data_1YEZ
#
_entry.id   1YEZ
#
_entity_poly.entity_id   1
_entity_poly.type   'polypeptide(L)'
_entity_poly.pdbx_seq_one_letter_code
;MFREESRSVPVEEGEVYDVTIQDIARQGDGIARIEGFVIFVPGTKVGDEVRIKVERVLPKFAFASVVE
;
_entity_poly.pdbx_strand_id   A
#
# COMPACT_ATOMS: atom_id res chain seq x y z
N MET A 1 12.36 -20.11 4.53
CA MET A 1 12.37 -20.80 3.23
C MET A 1 13.77 -21.35 2.93
N PHE A 2 13.85 -22.42 2.13
CA PHE A 2 15.14 -22.94 1.72
C PHE A 2 15.67 -22.14 0.54
N ARG A 3 14.77 -21.43 -0.12
CA ARG A 3 15.13 -20.56 -1.23
C ARG A 3 15.25 -19.13 -0.73
N GLU A 4 16.33 -18.46 -1.12
CA GLU A 4 16.56 -17.08 -0.76
C GLU A 4 15.50 -16.19 -1.38
N GLU A 5 15.10 -15.15 -0.67
CA GLU A 5 14.10 -14.22 -1.17
C GLU A 5 14.77 -13.21 -2.10
N SER A 6 14.26 -13.13 -3.32
CA SER A 6 14.79 -12.18 -4.30
C SER A 6 14.35 -10.75 -3.96
N ARG A 7 13.44 -10.65 -2.99
CA ARG A 7 12.88 -9.37 -2.56
C ARG A 7 12.08 -8.70 -3.67
N SER A 8 11.60 -9.51 -4.60
CA SER A 8 10.73 -9.02 -5.67
C SER A 8 9.39 -8.60 -5.08
N VAL A 9 9.27 -7.31 -4.78
CA VAL A 9 8.07 -6.77 -4.15
C VAL A 9 7.31 -5.88 -5.13
N PRO A 10 6.01 -5.69 -4.88
CA PRO A 10 5.16 -4.85 -5.71
C PRO A 10 5.53 -3.37 -5.63
N VAL A 11 5.79 -2.90 -4.41
CA VAL A 11 6.00 -1.47 -4.19
C VAL A 11 7.32 -1.18 -3.48
N GLU A 12 7.91 -0.05 -3.81
CA GLU A 12 9.11 0.45 -3.17
C GLU A 12 8.85 1.82 -2.56
N GLU A 13 9.80 2.30 -1.78
CA GLU A 13 9.69 3.61 -1.14
C GLU A 13 9.69 4.74 -2.16
N GLY A 14 8.66 5.57 -2.12
CA GLY A 14 8.60 6.76 -2.95
C GLY A 14 7.81 6.57 -4.23
N GLU A 15 6.90 5.61 -4.24
CA GLU A 15 6.14 5.33 -5.45
C GLU A 15 4.70 5.85 -5.33
N VAL A 16 3.95 5.82 -6.41
CA VAL A 16 2.57 6.28 -6.41
C VAL A 16 1.71 5.38 -7.28
N TYR A 17 0.58 4.91 -6.73
CA TYR A 17 -0.31 4.01 -7.44
C TYR A 17 -1.76 4.43 -7.29
N ASP A 18 -2.54 4.27 -8.36
CA ASP A 18 -3.98 4.51 -8.32
C ASP A 18 -4.67 3.28 -7.75
N VAL A 19 -4.92 3.29 -6.45
CA VAL A 19 -5.46 2.12 -5.78
C VAL A 19 -6.87 2.36 -5.30
N THR A 20 -7.59 1.28 -5.08
CA THR A 20 -8.89 1.33 -4.48
C THR A 20 -8.83 0.69 -3.10
N ILE A 21 -9.26 1.41 -2.08
CA ILE A 21 -9.23 0.90 -0.72
C ILE A 21 -10.25 -0.23 -0.56
N GLN A 22 -9.77 -1.45 -0.60
CA GLN A 22 -10.64 -2.62 -0.56
C GLN A 22 -11.05 -2.96 0.86
N ASP A 23 -10.15 -2.73 1.81
CA ASP A 23 -10.44 -3.04 3.20
C ASP A 23 -9.91 -1.94 4.10
N ILE A 24 -10.27 -1.99 5.39
CA ILE A 24 -9.83 -0.98 6.34
C ILE A 24 -9.61 -1.62 7.70
N ALA A 25 -8.47 -1.33 8.31
CA ALA A 25 -8.18 -1.80 9.64
C ALA A 25 -8.81 -0.86 10.66
N ARG A 26 -9.28 -1.42 11.77
CA ARG A 26 -10.03 -0.65 12.75
C ARG A 26 -9.19 0.42 13.42
N GLN A 27 -9.26 1.62 12.83
CA GLN A 27 -8.49 2.79 13.24
C GLN A 27 -8.58 3.83 12.14
N GLY A 28 -8.79 3.36 10.92
CA GLY A 28 -8.93 4.24 9.79
C GLY A 28 -7.87 4.00 8.72
N ASP A 29 -7.10 2.94 8.91
CA ASP A 29 -6.04 2.59 7.96
C ASP A 29 -6.62 1.81 6.80
N GLY A 30 -6.56 2.40 5.61
CA GLY A 30 -7.02 1.72 4.42
C GLY A 30 -6.08 0.61 4.03
N ILE A 31 -6.63 -0.58 3.87
CA ILE A 31 -5.85 -1.74 3.51
C ILE A 31 -5.84 -1.96 2.00
N ALA A 32 -4.70 -1.66 1.39
CA ALA A 32 -4.49 -1.94 -0.01
C ALA A 32 -3.68 -3.23 -0.14
N ARG A 33 -4.37 -4.33 -0.35
CA ARG A 33 -3.73 -5.63 -0.42
C ARG A 33 -3.38 -6.01 -1.86
N ILE A 34 -2.17 -5.70 -2.26
CA ILE A 34 -1.71 -6.04 -3.60
C ILE A 34 -1.09 -7.42 -3.62
N GLU A 35 -1.80 -8.34 -4.25
CA GLU A 35 -1.41 -9.76 -4.32
C GLU A 35 -1.25 -10.38 -2.93
N GLY A 36 -1.73 -9.69 -1.91
CA GLY A 36 -1.61 -10.20 -0.56
C GLY A 36 -0.75 -9.31 0.31
N PHE A 37 0.08 -8.48 -0.31
CA PHE A 37 0.91 -7.54 0.44
C PHE A 37 0.05 -6.41 0.98
N VAL A 38 0.13 -6.19 2.28
CA VAL A 38 -0.74 -5.22 2.94
C VAL A 38 -0.08 -3.85 3.04
N ILE A 39 -0.64 -2.90 2.30
CA ILE A 39 -0.21 -1.50 2.39
C ILE A 39 -1.22 -0.71 3.20
N PHE A 40 -0.75 -0.01 4.22
CA PHE A 40 -1.62 0.78 5.07
C PHE A 40 -1.68 2.24 4.61
N VAL A 41 -2.88 2.69 4.31
CA VAL A 41 -3.10 4.08 3.94
C VAL A 41 -4.07 4.73 4.91
N PRO A 42 -3.55 5.31 6.00
CA PRO A 42 -4.37 5.88 7.08
C PRO A 42 -5.18 7.08 6.62
N GLY A 43 -6.48 7.03 6.87
CA GLY A 43 -7.35 8.15 6.54
C GLY A 43 -8.04 7.97 5.20
N THR A 44 -8.55 6.77 4.96
CA THR A 44 -9.26 6.48 3.72
C THR A 44 -10.62 5.84 4.01
N LYS A 45 -11.29 5.38 2.96
CA LYS A 45 -12.63 4.81 3.08
C LYS A 45 -12.76 3.59 2.18
N VAL A 46 -13.65 2.67 2.56
CA VAL A 46 -13.90 1.47 1.76
C VAL A 46 -14.46 1.83 0.39
N GLY A 47 -13.71 1.47 -0.65
CA GLY A 47 -14.14 1.76 -2.00
C GLY A 47 -13.56 3.05 -2.53
N ASP A 48 -12.74 3.71 -1.72
CA ASP A 48 -12.14 4.98 -2.10
C ASP A 48 -11.00 4.76 -3.09
N GLU A 49 -11.14 5.33 -4.28
CA GLU A 49 -10.14 5.20 -5.34
C GLU A 49 -9.23 6.43 -5.37
N VAL A 50 -7.99 6.27 -4.94
CA VAL A 50 -7.07 7.40 -4.81
C VAL A 50 -5.66 7.05 -5.27
N ARG A 51 -4.89 8.09 -5.57
CA ARG A 51 -3.47 7.91 -5.84
C ARG A 51 -2.72 7.96 -4.53
N ILE A 52 -2.18 6.82 -4.12
CA ILE A 52 -1.44 6.75 -2.89
C ILE A 52 0.06 6.84 -3.16
N LYS A 53 0.71 7.69 -2.39
CA LYS A 53 2.15 7.80 -2.45
C LYS A 53 2.74 6.88 -1.39
N VAL A 54 3.29 5.76 -1.83
CA VAL A 54 3.94 4.84 -0.92
C VAL A 54 5.22 5.48 -0.42
N GLU A 55 5.12 6.07 0.77
CA GLU A 55 6.22 6.81 1.35
C GLU A 55 7.38 5.88 1.66
N ARG A 56 7.08 4.77 2.32
CA ARG A 56 8.10 3.82 2.73
C ARG A 56 7.53 2.41 2.78
N VAL A 57 8.41 1.42 2.78
CA VAL A 57 8.01 0.02 2.85
C VAL A 57 8.77 -0.70 3.95
N LEU A 58 8.04 -1.50 4.72
CA LEU A 58 8.64 -2.32 5.75
C LEU A 58 8.50 -3.79 5.34
N PRO A 59 9.36 -4.67 5.88
CA PRO A 59 9.38 -6.09 5.49
C PRO A 59 8.04 -6.81 5.70
N LYS A 60 7.15 -6.21 6.47
CA LYS A 60 5.88 -6.84 6.77
C LYS A 60 4.68 -6.04 6.25
N PHE A 61 4.90 -4.76 5.94
CA PHE A 61 3.81 -3.87 5.53
C PHE A 61 4.36 -2.55 5.01
N ALA A 62 3.55 -1.81 4.25
CA ALA A 62 4.00 -0.56 3.68
C ALA A 62 3.14 0.61 4.15
N PHE A 63 3.70 1.81 4.09
CA PHE A 63 2.98 3.02 4.46
C PHE A 63 2.80 3.92 3.24
N ALA A 64 1.60 4.42 3.06
CA ALA A 64 1.30 5.32 1.95
C ALA A 64 0.28 6.37 2.37
N SER A 65 0.31 7.51 1.70
CA SER A 65 -0.64 8.58 1.97
C SER A 65 -1.31 9.03 0.67
N VAL A 66 -2.49 9.62 0.80
CA VAL A 66 -3.27 10.05 -0.35
C VAL A 66 -2.81 11.41 -0.85
N VAL A 67 -2.35 11.48 -2.09
CA VAL A 67 -1.91 12.75 -2.67
C VAL A 67 -2.95 13.26 -3.65
N GLU A 68 -4.14 12.70 -3.55
CA GLU A 68 -5.29 13.07 -4.38
C GLU A 68 -4.94 12.99 -5.86
N MET A 1 23.36 -9.47 2.64
CA MET A 1 23.23 -8.06 2.18
C MET A 1 22.08 -7.91 1.19
N PHE A 2 22.28 -8.41 -0.02
CA PHE A 2 21.25 -8.32 -1.06
C PHE A 2 20.70 -9.70 -1.38
N ARG A 3 19.86 -9.78 -2.40
CA ARG A 3 19.21 -11.04 -2.78
C ARG A 3 18.31 -11.53 -1.65
N GLU A 4 17.57 -10.60 -1.06
CA GLU A 4 16.66 -10.94 0.04
C GLU A 4 15.61 -11.93 -0.44
N GLU A 5 15.39 -12.95 0.37
CA GLU A 5 14.52 -14.07 0.01
C GLU A 5 13.11 -13.59 -0.34
N SER A 6 12.72 -13.85 -1.60
CA SER A 6 11.41 -13.48 -2.15
C SER A 6 11.13 -11.98 -2.07
N ARG A 7 12.17 -11.19 -1.77
CA ARG A 7 12.08 -9.73 -1.65
C ARG A 7 11.24 -9.29 -0.45
N SER A 8 9.98 -9.74 -0.43
CA SER A 8 9.00 -9.34 0.58
C SER A 8 8.57 -7.89 0.41
N VAL A 9 8.90 -7.34 -0.74
CA VAL A 9 8.56 -5.98 -1.11
C VAL A 9 8.35 -5.86 -2.62
N PRO A 10 7.08 -5.87 -3.07
CA PRO A 10 6.76 -5.77 -4.50
C PRO A 10 6.72 -4.32 -4.99
N VAL A 11 6.69 -3.38 -4.06
CA VAL A 11 6.63 -1.97 -4.40
C VAL A 11 7.91 -1.24 -4.00
N GLU A 12 8.23 -0.19 -4.73
CA GLU A 12 9.44 0.59 -4.46
C GLU A 12 9.13 1.75 -3.52
N GLU A 13 10.10 2.13 -2.70
CA GLU A 13 9.94 3.27 -1.81
C GLU A 13 9.87 4.57 -2.60
N GLY A 14 8.68 5.16 -2.63
CA GLY A 14 8.46 6.38 -3.37
C GLY A 14 7.68 6.13 -4.64
N GLU A 15 6.84 5.11 -4.64
CA GLU A 15 5.97 4.83 -5.78
C GLU A 15 4.68 5.62 -5.65
N VAL A 16 4.00 5.79 -6.76
CA VAL A 16 2.74 6.52 -6.78
C VAL A 16 1.76 5.80 -7.70
N TYR A 17 0.67 5.30 -7.12
CA TYR A 17 -0.34 4.63 -7.92
C TYR A 17 -1.70 4.78 -7.25
N ASP A 18 -2.74 4.93 -8.08
CA ASP A 18 -4.10 5.07 -7.57
C ASP A 18 -4.71 3.71 -7.30
N VAL A 19 -5.39 3.59 -6.17
CA VAL A 19 -5.97 2.34 -5.74
C VAL A 19 -7.39 2.54 -5.24
N THR A 20 -8.14 1.45 -5.20
CA THR A 20 -9.43 1.45 -4.55
C THR A 20 -9.30 0.75 -3.20
N ILE A 21 -9.72 1.42 -2.13
CA ILE A 21 -9.61 0.85 -0.81
C ILE A 21 -10.55 -0.34 -0.68
N GLN A 22 -9.96 -1.51 -0.52
CA GLN A 22 -10.70 -2.76 -0.59
C GLN A 22 -11.11 -3.23 0.80
N ASP A 23 -10.28 -2.94 1.80
CA ASP A 23 -10.54 -3.40 3.16
C ASP A 23 -10.19 -2.31 4.18
N ILE A 24 -10.63 -2.50 5.41
CA ILE A 24 -10.35 -1.56 6.49
C ILE A 24 -9.82 -2.35 7.67
N ALA A 25 -8.75 -1.87 8.27
CA ALA A 25 -8.10 -2.59 9.36
C ALA A 25 -8.82 -2.36 10.69
N ARG A 26 -10.01 -1.76 10.61
CA ARG A 26 -10.82 -1.45 11.79
C ARG A 26 -10.05 -0.56 12.75
N GLN A 27 -10.13 0.74 12.48
CA GLN A 27 -9.29 1.74 13.14
C GLN A 27 -9.49 3.08 12.45
N GLY A 28 -9.90 3.01 11.18
CA GLY A 28 -10.13 4.22 10.42
C GLY A 28 -9.21 4.30 9.21
N ASP A 29 -8.21 3.43 9.18
CA ASP A 29 -7.25 3.41 8.10
C ASP A 29 -7.60 2.33 7.09
N GLY A 30 -7.37 2.62 5.83
CA GLY A 30 -7.74 1.70 4.77
C GLY A 30 -6.65 0.74 4.42
N ILE A 31 -7.03 -0.44 3.97
CA ILE A 31 -6.09 -1.47 3.59
C ILE A 31 -6.09 -1.69 2.08
N ALA A 32 -4.95 -1.43 1.47
CA ALA A 32 -4.73 -1.73 0.07
C ALA A 32 -3.57 -2.72 -0.05
N ARG A 33 -3.89 -3.97 -0.28
CA ARG A 33 -2.88 -5.01 -0.32
C ARG A 33 -2.63 -5.48 -1.75
N ILE A 34 -1.44 -5.24 -2.25
CA ILE A 34 -1.05 -5.70 -3.58
C ILE A 34 -0.23 -6.96 -3.47
N GLU A 35 -0.73 -8.03 -4.08
CA GLU A 35 -0.07 -9.33 -4.08
C GLU A 35 0.06 -9.88 -2.66
N GLY A 36 -0.84 -9.44 -1.78
CA GLY A 36 -0.82 -9.90 -0.40
C GLY A 36 -0.10 -8.93 0.51
N PHE A 37 0.73 -8.07 -0.08
CA PHE A 37 1.49 -7.10 0.67
C PHE A 37 0.57 -6.01 1.19
N VAL A 38 0.35 -6.00 2.50
CA VAL A 38 -0.60 -5.08 3.11
C VAL A 38 0.00 -3.67 3.22
N ILE A 39 -0.71 -2.70 2.66
CA ILE A 39 -0.29 -1.32 2.76
C ILE A 39 -1.35 -0.50 3.48
N PHE A 40 -0.93 0.26 4.48
CA PHE A 40 -1.84 1.06 5.29
C PHE A 40 -1.97 2.46 4.71
N VAL A 41 -3.20 2.87 4.44
CA VAL A 41 -3.48 4.22 3.99
C VAL A 41 -4.24 4.97 5.07
N PRO A 42 -3.57 5.94 5.72
CA PRO A 42 -4.15 6.69 6.84
C PRO A 42 -5.46 7.40 6.49
N GLY A 43 -6.52 7.03 7.19
CA GLY A 43 -7.82 7.69 7.04
C GLY A 43 -8.43 7.52 5.66
N THR A 44 -8.94 6.33 5.37
CA THR A 44 -9.62 6.09 4.10
C THR A 44 -10.79 5.14 4.29
N LYS A 45 -11.70 5.14 3.32
CA LYS A 45 -12.91 4.33 3.40
C LYS A 45 -12.95 3.34 2.23
N VAL A 46 -13.62 2.21 2.43
CA VAL A 46 -13.77 1.23 1.35
C VAL A 46 -14.51 1.87 0.18
N GLY A 47 -13.91 1.79 -1.00
CA GLY A 47 -14.51 2.42 -2.16
C GLY A 47 -13.80 3.71 -2.53
N ASP A 48 -12.85 4.12 -1.69
CA ASP A 48 -12.03 5.29 -1.99
C ASP A 48 -11.08 4.99 -3.13
N GLU A 49 -11.35 5.56 -4.29
CA GLU A 49 -10.46 5.48 -5.42
C GLU A 49 -9.47 6.63 -5.32
N VAL A 50 -8.30 6.37 -4.76
CA VAL A 50 -7.37 7.44 -4.42
C VAL A 50 -5.93 7.14 -4.85
N ARG A 51 -5.21 8.20 -5.19
CA ARG A 51 -3.80 8.11 -5.51
C ARG A 51 -2.99 8.04 -4.24
N ILE A 52 -2.24 6.98 -4.05
CA ILE A 52 -1.42 6.85 -2.87
C ILE A 52 0.05 6.80 -3.24
N LYS A 53 0.88 7.45 -2.44
CA LYS A 53 2.30 7.35 -2.61
C LYS A 53 2.87 6.39 -1.59
N VAL A 54 3.40 5.28 -2.07
CA VAL A 54 4.09 4.33 -1.23
C VAL A 54 5.39 4.96 -0.77
N GLU A 55 5.37 5.47 0.45
CA GLU A 55 6.46 6.29 0.95
C GLU A 55 7.56 5.47 1.60
N ARG A 56 7.17 4.42 2.32
CA ARG A 56 8.13 3.63 3.08
C ARG A 56 7.63 2.20 3.16
N VAL A 57 8.50 1.23 2.86
CA VAL A 57 8.09 -0.16 2.87
C VAL A 57 8.78 -0.94 3.99
N LEU A 58 8.03 -1.80 4.63
CA LEU A 58 8.56 -2.76 5.59
C LEU A 58 8.26 -4.16 5.05
N PRO A 59 9.07 -5.17 5.43
CA PRO A 59 8.89 -6.54 4.93
C PRO A 59 7.49 -7.12 5.17
N LYS A 60 6.76 -6.53 6.11
CA LYS A 60 5.42 -7.03 6.45
C LYS A 60 4.31 -6.12 5.91
N PHE A 61 4.63 -4.84 5.73
CA PHE A 61 3.61 -3.85 5.39
C PHE A 61 4.25 -2.54 4.97
N ALA A 62 3.49 -1.67 4.32
CA ALA A 62 4.03 -0.40 3.86
C ALA A 62 3.15 0.77 4.28
N PHE A 63 3.75 1.95 4.29
CA PHE A 63 3.04 3.19 4.55
C PHE A 63 2.86 3.97 3.26
N ALA A 64 1.63 4.36 2.96
CA ALA A 64 1.35 5.13 1.77
C ALA A 64 0.30 6.19 2.05
N SER A 65 0.62 7.43 1.71
CA SER A 65 -0.29 8.53 1.94
C SER A 65 -1.03 8.90 0.66
N VAL A 66 -2.28 9.32 0.78
CA VAL A 66 -3.07 9.69 -0.37
C VAL A 66 -2.76 11.12 -0.81
N VAL A 67 -2.23 11.27 -2.01
CA VAL A 67 -1.90 12.59 -2.54
C VAL A 67 -2.96 13.04 -3.53
N GLU A 68 -4.00 12.23 -3.64
CA GLU A 68 -5.16 12.49 -4.48
C GLU A 68 -4.77 12.85 -5.92
N MET A 1 20.33 -16.05 -13.64
CA MET A 1 20.15 -14.69 -14.19
C MET A 1 21.17 -13.75 -13.55
N PHE A 2 20.96 -13.45 -12.27
CA PHE A 2 21.89 -12.65 -11.48
C PHE A 2 21.29 -12.43 -10.09
N ARG A 3 20.34 -11.50 -10.00
CA ARG A 3 19.58 -11.25 -8.77
C ARG A 3 18.50 -10.21 -9.05
N GLU A 4 18.11 -10.11 -10.31
CA GLU A 4 17.23 -9.04 -10.76
C GLU A 4 15.78 -9.50 -10.78
N GLU A 5 14.93 -8.78 -10.05
CA GLU A 5 13.51 -9.10 -9.91
C GLU A 5 13.31 -10.41 -9.15
N SER A 6 12.05 -10.89 -9.16
CA SER A 6 11.67 -12.13 -8.48
C SER A 6 11.80 -11.99 -6.96
N ARG A 7 11.69 -10.77 -6.47
CA ARG A 7 11.83 -10.50 -5.05
C ARG A 7 10.47 -10.20 -4.42
N SER A 8 10.36 -10.42 -3.12
CA SER A 8 9.08 -10.38 -2.42
C SER A 8 8.65 -8.95 -2.04
N VAL A 9 9.00 -8.00 -2.89
CA VAL A 9 8.63 -6.61 -2.68
C VAL A 9 7.99 -6.01 -3.93
N PRO A 10 6.66 -5.90 -3.93
CA PRO A 10 5.90 -5.43 -5.10
C PRO A 10 6.06 -3.94 -5.37
N VAL A 11 6.27 -3.15 -4.31
CA VAL A 11 6.33 -1.70 -4.45
C VAL A 11 7.66 -1.15 -3.95
N GLU A 12 8.11 -0.06 -4.56
CA GLU A 12 9.36 0.59 -4.18
C GLU A 12 9.07 1.84 -3.36
N GLU A 13 10.08 2.30 -2.65
CA GLU A 13 9.97 3.51 -1.85
C GLU A 13 9.77 4.74 -2.73
N GLY A 14 8.65 5.42 -2.53
CA GLY A 14 8.40 6.69 -3.19
C GLY A 14 7.54 6.55 -4.43
N GLU A 15 6.83 5.44 -4.55
CA GLU A 15 6.02 5.19 -5.75
C GLU A 15 4.59 5.70 -5.56
N VAL A 16 3.86 5.79 -6.64
CA VAL A 16 2.48 6.25 -6.60
C VAL A 16 1.57 5.29 -7.37
N TYR A 17 0.52 4.83 -6.71
CA TYR A 17 -0.38 3.85 -7.32
C TYR A 17 -1.84 4.27 -7.20
N ASP A 18 -2.59 4.01 -8.25
CA ASP A 18 -4.05 4.19 -8.23
C ASP A 18 -4.67 2.98 -7.54
N VAL A 19 -4.83 3.08 -6.24
CA VAL A 19 -5.26 1.92 -5.46
C VAL A 19 -6.71 2.03 -5.04
N THR A 20 -7.35 0.88 -4.92
CA THR A 20 -8.70 0.82 -4.41
C THR A 20 -8.66 0.35 -2.96
N ILE A 21 -9.25 1.12 -2.06
CA ILE A 21 -9.35 0.70 -0.67
C ILE A 21 -10.35 -0.45 -0.58
N GLN A 22 -9.84 -1.66 -0.73
CA GLN A 22 -10.68 -2.85 -0.76
C GLN A 22 -11.01 -3.30 0.65
N ASP A 23 -10.08 -3.08 1.56
CA ASP A 23 -10.28 -3.47 2.95
C ASP A 23 -9.98 -2.30 3.87
N ILE A 24 -10.31 -2.46 5.14
CA ILE A 24 -10.01 -1.46 6.14
C ILE A 24 -9.75 -2.18 7.46
N ALA A 25 -8.93 -1.60 8.30
CA ALA A 25 -8.61 -2.23 9.57
C ALA A 25 -9.48 -1.66 10.68
N ARG A 26 -9.36 -2.22 11.88
CA ARG A 26 -10.25 -1.90 12.98
C ARG A 26 -10.03 -0.49 13.54
N GLN A 27 -8.84 0.07 13.33
CA GLN A 27 -8.60 1.44 13.80
C GLN A 27 -9.19 2.44 12.82
N GLY A 28 -9.48 1.98 11.60
CA GLY A 28 -10.14 2.81 10.62
C GLY A 28 -9.22 3.32 9.54
N ASP A 29 -8.07 2.68 9.37
CA ASP A 29 -7.15 3.03 8.30
C ASP A 29 -7.31 2.08 7.13
N GLY A 30 -7.17 2.61 5.92
CA GLY A 30 -7.46 1.84 4.74
C GLY A 30 -6.43 0.78 4.43
N ILE A 31 -6.89 -0.37 3.97
CA ILE A 31 -6.02 -1.46 3.61
C ILE A 31 -5.96 -1.62 2.11
N ALA A 32 -4.87 -1.18 1.52
CA ALA A 32 -4.65 -1.35 0.09
C ALA A 32 -3.77 -2.56 -0.14
N ARG A 33 -4.39 -3.69 -0.45
CA ARG A 33 -3.67 -4.93 -0.62
C ARG A 33 -3.35 -5.20 -2.09
N ILE A 34 -2.15 -4.81 -2.50
CA ILE A 34 -1.70 -5.03 -3.87
C ILE A 34 -1.07 -6.41 -3.98
N GLU A 35 -1.73 -7.26 -4.73
CA GLU A 35 -1.30 -8.66 -4.90
C GLU A 35 -1.15 -9.37 -3.56
N GLY A 36 -1.85 -8.88 -2.55
CA GLY A 36 -1.79 -9.49 -1.23
C GLY A 36 -0.92 -8.70 -0.27
N PHE A 37 -0.07 -7.84 -0.81
CA PHE A 37 0.82 -7.03 0.01
C PHE A 37 0.04 -5.89 0.64
N VAL A 38 0.06 -5.84 1.97
CA VAL A 38 -0.76 -4.89 2.71
C VAL A 38 -0.09 -3.52 2.81
N ILE A 39 -0.80 -2.51 2.31
CA ILE A 39 -0.35 -1.13 2.44
C ILE A 39 -1.37 -0.34 3.27
N PHE A 40 -0.88 0.33 4.31
CA PHE A 40 -1.75 1.11 5.18
C PHE A 40 -1.87 2.55 4.69
N VAL A 41 -3.10 2.99 4.50
CA VAL A 41 -3.37 4.37 4.12
C VAL A 41 -4.24 5.04 5.18
N PRO A 42 -3.68 6.00 5.91
CA PRO A 42 -4.36 6.63 7.05
C PRO A 42 -5.56 7.48 6.65
N GLY A 43 -6.75 7.06 7.07
CA GLY A 43 -7.93 7.90 6.93
C GLY A 43 -8.80 7.58 5.73
N THR A 44 -8.42 6.58 4.93
CA THR A 44 -9.17 6.26 3.73
C THR A 44 -10.29 5.25 4.00
N LYS A 45 -11.45 5.49 3.40
CA LYS A 45 -12.62 4.64 3.58
C LYS A 45 -12.68 3.56 2.50
N VAL A 46 -13.36 2.45 2.79
CA VAL A 46 -13.50 1.35 1.83
C VAL A 46 -14.29 1.78 0.61
N GLY A 47 -13.72 1.53 -0.57
CA GLY A 47 -14.38 1.91 -1.80
C GLY A 47 -13.73 3.11 -2.44
N ASP A 48 -12.94 3.85 -1.65
CA ASP A 48 -12.23 5.01 -2.17
C ASP A 48 -11.09 4.58 -3.08
N GLU A 49 -11.21 4.94 -4.35
CA GLU A 49 -10.15 4.67 -5.31
C GLU A 49 -9.30 5.92 -5.47
N VAL A 50 -8.19 5.94 -4.76
CA VAL A 50 -7.35 7.12 -4.68
C VAL A 50 -5.90 6.78 -5.03
N ARG A 51 -5.10 7.79 -5.25
CA ARG A 51 -3.70 7.60 -5.56
C ARG A 51 -2.86 7.82 -4.31
N ILE A 52 -2.13 6.80 -3.93
CA ILE A 52 -1.29 6.88 -2.74
C ILE A 52 0.17 6.82 -3.12
N LYS A 53 0.99 7.54 -2.39
CA LYS A 53 2.42 7.45 -2.58
C LYS A 53 3.02 6.55 -1.52
N VAL A 54 3.45 5.36 -1.93
CA VAL A 54 4.09 4.44 -1.03
C VAL A 54 5.43 4.99 -0.63
N GLU A 55 5.47 5.61 0.53
CA GLU A 55 6.63 6.35 0.99
C GLU A 55 7.62 5.45 1.69
N ARG A 56 7.11 4.46 2.41
CA ARG A 56 7.96 3.60 3.22
C ARG A 56 7.47 2.16 3.17
N VAL A 57 8.40 1.24 3.08
CA VAL A 57 8.09 -0.18 3.02
C VAL A 57 8.77 -0.94 4.16
N LEU A 58 7.96 -1.48 5.06
CA LEU A 58 8.48 -2.26 6.16
C LEU A 58 8.41 -3.74 5.82
N PRO A 59 9.25 -4.58 6.43
CA PRO A 59 9.29 -6.02 6.15
C PRO A 59 7.99 -6.74 6.45
N LYS A 60 7.05 -6.03 7.06
CA LYS A 60 5.76 -6.60 7.42
C LYS A 60 4.64 -5.99 6.57
N PHE A 61 4.81 -4.73 6.17
CA PHE A 61 3.77 -4.00 5.45
C PHE A 61 4.30 -2.68 4.93
N ALA A 62 3.56 -2.05 4.05
CA ALA A 62 3.98 -0.76 3.50
C ALA A 62 3.09 0.37 4.01
N PHE A 63 3.62 1.58 4.01
CA PHE A 63 2.87 2.75 4.43
C PHE A 63 2.86 3.77 3.32
N ALA A 64 1.72 4.38 3.06
CA ALA A 64 1.59 5.32 1.97
C ALA A 64 0.74 6.52 2.37
N SER A 65 1.06 7.65 1.80
CA SER A 65 0.28 8.86 2.00
C SER A 65 -0.55 9.16 0.75
N VAL A 66 -1.84 9.39 0.94
CA VAL A 66 -2.73 9.61 -0.19
C VAL A 66 -2.57 11.02 -0.75
N VAL A 67 -2.40 11.12 -2.06
CA VAL A 67 -2.25 12.41 -2.73
C VAL A 67 -3.51 12.74 -3.51
N GLU A 68 -4.61 12.11 -3.11
CA GLU A 68 -5.91 12.25 -3.77
C GLU A 68 -5.88 11.60 -5.15
N MET A 1 3.44 -21.56 -3.05
CA MET A 1 4.27 -20.49 -3.64
C MET A 1 5.09 -21.03 -4.79
N PHE A 2 4.67 -20.71 -6.01
CA PHE A 2 5.39 -21.15 -7.20
C PHE A 2 6.49 -20.12 -7.52
N ARG A 3 7.45 -20.53 -8.36
CA ARG A 3 8.59 -19.69 -8.70
C ARG A 3 9.47 -19.48 -7.48
N GLU A 4 10.38 -18.52 -7.54
CA GLU A 4 11.29 -18.28 -6.45
C GLU A 4 10.61 -17.49 -5.33
N GLU A 5 9.87 -18.23 -4.49
CA GLU A 5 9.18 -17.68 -3.32
C GLU A 5 8.09 -16.69 -3.72
N SER A 6 7.73 -16.73 -5.01
CA SER A 6 6.69 -15.87 -5.58
C SER A 6 7.02 -14.39 -5.44
N ARG A 7 8.29 -14.08 -5.11
CA ARG A 7 8.76 -12.71 -4.89
C ARG A 7 8.06 -12.03 -3.72
N SER A 8 6.83 -11.60 -3.98
CA SER A 8 6.13 -10.64 -3.13
C SER A 8 6.85 -9.29 -3.21
N VAL A 9 6.60 -8.42 -2.23
CA VAL A 9 7.18 -7.08 -2.16
C VAL A 9 7.35 -6.42 -3.54
N PRO A 10 6.24 -6.04 -4.18
CA PRO A 10 6.25 -5.47 -5.52
C PRO A 10 6.37 -3.94 -5.52
N VAL A 11 6.28 -3.33 -4.33
CA VAL A 11 6.29 -1.89 -4.22
C VAL A 11 7.51 -1.41 -3.44
N GLU A 12 7.89 -0.16 -3.67
CA GLU A 12 9.03 0.44 -2.97
C GLU A 12 8.63 1.78 -2.38
N GLU A 13 9.37 2.23 -1.37
CA GLU A 13 9.12 3.54 -0.78
C GLU A 13 9.46 4.65 -1.77
N GLY A 14 8.50 5.56 -1.97
CA GLY A 14 8.68 6.64 -2.91
C GLY A 14 8.02 6.35 -4.23
N GLU A 15 6.96 5.56 -4.20
CA GLU A 15 6.22 5.20 -5.41
C GLU A 15 4.82 5.77 -5.38
N VAL A 16 4.11 5.68 -6.49
CA VAL A 16 2.76 6.21 -6.57
C VAL A 16 1.87 5.28 -7.40
N TYR A 17 0.76 4.85 -6.81
CA TYR A 17 -0.15 3.93 -7.48
C TYR A 17 -1.59 4.36 -7.28
N ASP A 18 -2.45 4.04 -8.22
CA ASP A 18 -3.88 4.23 -8.04
C ASP A 18 -4.48 2.95 -7.47
N VAL A 19 -5.19 3.08 -6.36
CA VAL A 19 -5.73 1.91 -5.67
C VAL A 19 -7.13 2.17 -5.15
N THR A 20 -7.89 1.10 -4.99
CA THR A 20 -9.17 1.15 -4.33
C THR A 20 -9.06 0.51 -2.96
N ILE A 21 -9.36 1.27 -1.91
CA ILE A 21 -9.25 0.78 -0.55
C ILE A 21 -10.29 -0.28 -0.27
N GLN A 22 -9.83 -1.50 0.00
CA GLN A 22 -10.72 -2.63 0.17
C GLN A 22 -11.30 -2.65 1.58
N ASP A 23 -10.43 -2.63 2.58
CA ASP A 23 -10.87 -2.70 3.97
C ASP A 23 -10.25 -1.56 4.78
N ILE A 24 -10.62 -1.46 6.05
CA ILE A 24 -10.14 -0.40 6.93
C ILE A 24 -9.73 -1.04 8.24
N ALA A 25 -8.62 -0.59 8.80
CA ALA A 25 -8.08 -1.18 10.01
C ALA A 25 -8.76 -0.65 11.29
N ARG A 26 -10.01 -0.21 11.15
CA ARG A 26 -10.82 0.24 12.28
C ARG A 26 -10.20 1.43 13.00
N GLN A 27 -9.57 2.31 12.24
CA GLN A 27 -8.88 3.46 12.80
C GLN A 27 -8.72 4.53 11.74
N GLY A 28 -8.48 4.09 10.52
CA GLY A 28 -8.35 5.02 9.42
C GLY A 28 -7.43 4.51 8.34
N ASP A 29 -6.46 3.70 8.74
CA ASP A 29 -5.54 3.08 7.79
C ASP A 29 -6.30 2.14 6.86
N GLY A 30 -6.27 2.45 5.58
CA GLY A 30 -6.93 1.62 4.60
C GLY A 30 -6.15 0.38 4.26
N ILE A 31 -6.84 -0.70 3.98
CA ILE A 31 -6.22 -1.96 3.65
C ILE A 31 -6.30 -2.23 2.15
N ALA A 32 -5.21 -1.97 1.46
CA ALA A 32 -5.12 -2.27 0.04
C ALA A 32 -3.87 -3.08 -0.22
N ARG A 33 -4.04 -4.35 -0.57
CA ARG A 33 -2.91 -5.24 -0.78
C ARG A 33 -2.72 -5.56 -2.25
N ILE A 34 -1.47 -5.58 -2.67
CA ILE A 34 -1.12 -5.96 -4.01
C ILE A 34 -0.17 -7.15 -3.99
N GLU A 35 -0.62 -8.25 -4.59
CA GLU A 35 0.13 -9.51 -4.61
C GLU A 35 0.43 -9.99 -3.19
N GLY A 36 -0.49 -9.70 -2.28
CA GLY A 36 -0.35 -10.12 -0.90
C GLY A 36 0.22 -9.03 -0.02
N PHE A 37 1.07 -8.19 -0.60
CA PHE A 37 1.71 -7.13 0.16
C PHE A 37 0.73 -5.99 0.42
N VAL A 38 0.34 -5.84 1.68
CA VAL A 38 -0.68 -4.87 2.05
C VAL A 38 -0.09 -3.48 2.26
N ILE A 39 -0.75 -2.47 1.71
CA ILE A 39 -0.35 -1.09 1.90
C ILE A 39 -1.34 -0.39 2.82
N PHE A 40 -0.82 0.23 3.88
CA PHE A 40 -1.66 0.96 4.81
C PHE A 40 -1.72 2.44 4.42
N VAL A 41 -2.93 2.93 4.20
CA VAL A 41 -3.13 4.33 3.85
C VAL A 41 -4.10 4.97 4.83
N PRO A 42 -3.58 5.63 5.87
CA PRO A 42 -4.41 6.24 6.93
C PRO A 42 -5.21 7.44 6.43
N GLY A 43 -6.52 7.36 6.57
CA GLY A 43 -7.38 8.45 6.20
C GLY A 43 -8.22 8.13 4.98
N THR A 44 -8.50 6.85 4.78
CA THR A 44 -9.29 6.42 3.65
C THR A 44 -10.58 5.74 4.09
N LYS A 45 -11.51 5.61 3.16
CA LYS A 45 -12.76 4.93 3.43
C LYS A 45 -12.87 3.67 2.58
N VAL A 46 -13.79 2.78 2.93
CA VAL A 46 -14.00 1.58 2.14
C VAL A 46 -14.53 1.94 0.76
N GLY A 47 -13.79 1.55 -0.26
CA GLY A 47 -14.17 1.88 -1.62
C GLY A 47 -13.52 3.15 -2.11
N ASP A 48 -12.61 3.70 -1.31
CA ASP A 48 -11.86 4.89 -1.70
C ASP A 48 -10.90 4.57 -2.84
N GLU A 49 -11.22 5.05 -4.02
CA GLU A 49 -10.35 4.91 -5.17
C GLU A 49 -9.45 6.13 -5.27
N VAL A 50 -8.22 5.99 -4.81
CA VAL A 50 -7.33 7.14 -4.70
C VAL A 50 -5.93 6.81 -5.21
N ARG A 51 -5.18 7.85 -5.53
CA ARG A 51 -3.78 7.72 -5.87
C ARG A 51 -2.93 7.90 -4.61
N ILE A 52 -2.18 6.86 -4.27
CA ILE A 52 -1.40 6.87 -3.05
C ILE A 52 0.09 6.99 -3.33
N LYS A 53 0.74 7.78 -2.51
CA LYS A 53 2.19 7.91 -2.55
C LYS A 53 2.78 7.04 -1.45
N VAL A 54 3.37 5.92 -1.85
CA VAL A 54 3.98 5.01 -0.90
C VAL A 54 5.20 5.67 -0.31
N GLU A 55 5.15 5.96 0.98
CA GLU A 55 6.21 6.70 1.64
C GLU A 55 7.26 5.74 2.21
N ARG A 56 6.79 4.61 2.72
CA ARG A 56 7.69 3.62 3.31
C ARG A 56 7.22 2.20 3.00
N VAL A 57 8.17 1.28 3.04
CA VAL A 57 7.88 -0.14 2.88
C VAL A 57 8.46 -0.92 4.05
N LEU A 58 7.62 -1.69 4.72
CA LEU A 58 8.04 -2.50 5.85
C LEU A 58 7.92 -3.99 5.50
N PRO A 59 8.60 -4.87 6.26
CA PRO A 59 8.68 -6.31 5.98
C PRO A 59 7.42 -6.96 5.41
N LYS A 60 6.25 -6.63 5.97
CA LYS A 60 5.02 -7.30 5.54
C LYS A 60 3.90 -6.30 5.23
N PHE A 61 4.25 -5.02 5.10
CA PHE A 61 3.24 -4.00 4.81
C PHE A 61 3.89 -2.67 4.44
N ALA A 62 3.22 -1.91 3.60
CA ALA A 62 3.73 -0.61 3.18
C ALA A 62 2.92 0.51 3.83
N PHE A 63 3.46 1.72 3.76
CA PHE A 63 2.79 2.88 4.33
C PHE A 63 2.71 3.98 3.29
N ALA A 64 1.50 4.43 2.99
CA ALA A 64 1.29 5.43 1.95
C ALA A 64 0.24 6.45 2.36
N SER A 65 0.20 7.56 1.63
CA SER A 65 -0.78 8.60 1.86
C SER A 65 -1.38 9.06 0.53
N VAL A 66 -2.57 9.66 0.59
CA VAL A 66 -3.26 10.10 -0.61
C VAL A 66 -2.75 11.47 -1.05
N VAL A 67 -2.14 11.52 -2.23
CA VAL A 67 -1.60 12.77 -2.74
C VAL A 67 -2.27 13.15 -4.04
N GLU A 68 -3.24 12.34 -4.42
CA GLU A 68 -3.92 12.47 -5.70
C GLU A 68 -2.88 12.51 -6.83
N MET A 1 27.78 -8.82 -15.54
CA MET A 1 27.28 -8.81 -16.94
C MET A 1 25.77 -8.68 -16.96
N PHE A 2 25.09 -9.61 -16.31
CA PHE A 2 23.64 -9.58 -16.23
C PHE A 2 23.17 -9.91 -14.83
N ARG A 3 22.02 -9.39 -14.47
CA ARG A 3 21.40 -9.68 -13.19
C ARG A 3 19.89 -9.70 -13.34
N GLU A 4 19.23 -10.61 -12.62
CA GLU A 4 17.80 -10.77 -12.71
C GLU A 4 17.08 -9.68 -11.92
N GLU A 5 15.76 -9.64 -12.07
CA GLU A 5 14.93 -8.69 -11.35
C GLU A 5 14.48 -9.28 -10.02
N SER A 6 14.08 -8.44 -9.09
CA SER A 6 13.66 -8.91 -7.79
C SER A 6 12.41 -8.19 -7.29
N ARG A 7 12.45 -6.85 -7.32
CA ARG A 7 11.40 -6.00 -6.74
C ARG A 7 11.32 -6.19 -5.23
N SER A 8 11.52 -5.10 -4.49
CA SER A 8 11.36 -5.14 -3.04
C SER A 8 9.87 -5.10 -2.72
N VAL A 9 9.23 -6.28 -2.82
CA VAL A 9 7.77 -6.43 -2.77
C VAL A 9 7.11 -5.63 -3.92
N PRO A 10 5.79 -5.78 -4.18
CA PRO A 10 5.15 -5.16 -5.36
C PRO A 10 5.17 -3.62 -5.33
N VAL A 11 5.54 -3.05 -4.20
CA VAL A 11 5.59 -1.61 -4.04
C VAL A 11 6.87 -1.19 -3.34
N GLU A 12 7.57 -0.19 -3.87
CA GLU A 12 8.83 0.22 -3.31
C GLU A 12 8.79 1.68 -2.83
N GLU A 13 9.84 2.07 -2.13
CA GLU A 13 9.91 3.37 -1.47
C GLU A 13 9.93 4.53 -2.47
N GLY A 14 8.89 5.35 -2.40
CA GLY A 14 8.85 6.59 -3.15
C GLY A 14 8.15 6.46 -4.48
N GLU A 15 7.15 5.58 -4.56
CA GLU A 15 6.41 5.43 -5.80
C GLU A 15 4.93 5.67 -5.59
N VAL A 16 4.26 6.09 -6.64
CA VAL A 16 2.83 6.40 -6.57
C VAL A 16 2.02 5.37 -7.34
N TYR A 17 0.96 4.88 -6.71
CA TYR A 17 0.11 3.85 -7.31
C TYR A 17 -1.36 4.24 -7.18
N ASP A 18 -2.17 3.79 -8.12
CA ASP A 18 -3.61 4.02 -8.07
C ASP A 18 -4.28 2.83 -7.41
N VAL A 19 -4.75 3.01 -6.18
CA VAL A 19 -5.24 1.89 -5.40
C VAL A 19 -6.72 2.06 -5.04
N THR A 20 -7.31 0.98 -4.57
CA THR A 20 -8.67 1.01 -4.09
C THR A 20 -8.73 0.32 -2.73
N ILE A 21 -9.31 1.01 -1.76
CA ILE A 21 -9.33 0.52 -0.39
C ILE A 21 -10.24 -0.70 -0.26
N GLN A 22 -9.68 -1.79 0.26
CA GLN A 22 -10.41 -3.05 0.34
C GLN A 22 -10.99 -3.26 1.75
N ASP A 23 -10.21 -2.93 2.77
CA ASP A 23 -10.63 -3.13 4.15
C ASP A 23 -10.36 -1.90 5.00
N ILE A 24 -10.83 -1.93 6.24
CA ILE A 24 -10.62 -0.84 7.18
C ILE A 24 -9.92 -1.37 8.42
N ALA A 25 -8.89 -0.65 8.88
CA ALA A 25 -8.13 -1.06 10.04
C ALA A 25 -8.55 -0.27 11.28
N ARG A 26 -7.98 -0.64 12.43
CA ARG A 26 -8.37 -0.05 13.72
C ARG A 26 -7.95 1.42 13.82
N GLN A 27 -6.86 1.78 13.17
CA GLN A 27 -6.39 3.17 13.18
C GLN A 27 -7.18 4.05 12.21
N GLY A 28 -8.31 3.53 11.72
CA GLY A 28 -9.07 4.25 10.71
C GLY A 28 -8.32 4.25 9.40
N ASP A 29 -7.51 3.22 9.22
CA ASP A 29 -6.66 3.11 8.05
C ASP A 29 -7.37 2.37 6.95
N GLY A 30 -7.12 2.75 5.71
CA GLY A 30 -7.71 2.07 4.59
C GLY A 30 -6.75 1.06 4.02
N ILE A 31 -7.10 -0.21 4.15
CA ILE A 31 -6.24 -1.28 3.73
C ILE A 31 -6.32 -1.48 2.22
N ALA A 32 -5.29 -1.00 1.54
CA ALA A 32 -5.18 -1.20 0.10
C ALA A 32 -4.13 -2.24 -0.18
N ARG A 33 -4.53 -3.36 -0.76
CA ARG A 33 -3.62 -4.45 -1.00
C ARG A 33 -3.28 -4.56 -2.47
N ILE A 34 -2.01 -4.77 -2.76
CA ILE A 34 -1.56 -4.99 -4.13
C ILE A 34 -0.80 -6.31 -4.19
N GLU A 35 -1.33 -7.23 -4.98
CA GLU A 35 -0.74 -8.55 -5.17
C GLU A 35 -0.66 -9.30 -3.83
N GLY A 36 -1.54 -8.96 -2.90
CA GLY A 36 -1.57 -9.61 -1.61
C GLY A 36 -0.86 -8.82 -0.54
N PHE A 37 0.05 -7.94 -0.95
CA PHE A 37 0.83 -7.15 -0.01
C PHE A 37 -0.03 -6.03 0.57
N VAL A 38 -0.01 -5.91 1.89
CA VAL A 38 -0.86 -4.93 2.59
C VAL A 38 -0.18 -3.57 2.67
N ILE A 39 -0.86 -2.56 2.13
CA ILE A 39 -0.41 -1.19 2.22
C ILE A 39 -1.42 -0.39 3.04
N PHE A 40 -0.94 0.41 3.98
CA PHE A 40 -1.82 1.17 4.85
C PHE A 40 -1.96 2.61 4.36
N VAL A 41 -3.21 3.05 4.24
CA VAL A 41 -3.52 4.41 3.81
C VAL A 41 -4.52 5.05 4.79
N PRO A 42 -4.00 5.78 5.78
CA PRO A 42 -4.81 6.36 6.86
C PRO A 42 -5.85 7.38 6.36
N GLY A 43 -7.09 7.19 6.78
CA GLY A 43 -8.13 8.15 6.48
C GLY A 43 -8.83 7.90 5.15
N THR A 44 -9.28 6.67 4.94
CA THR A 44 -10.00 6.33 3.73
C THR A 44 -11.18 5.39 4.05
N LYS A 45 -11.90 4.99 3.02
CA LYS A 45 -13.05 4.10 3.18
C LYS A 45 -12.99 2.97 2.14
N VAL A 46 -13.59 1.83 2.47
CA VAL A 46 -13.70 0.73 1.52
C VAL A 46 -14.43 1.20 0.27
N GLY A 47 -13.74 1.16 -0.86
CA GLY A 47 -14.32 1.62 -2.10
C GLY A 47 -13.62 2.85 -2.65
N ASP A 48 -12.84 3.53 -1.81
CA ASP A 48 -12.10 4.71 -2.24
C ASP A 48 -11.01 4.33 -3.23
N GLU A 49 -11.15 4.83 -4.45
CA GLU A 49 -10.13 4.66 -5.47
C GLU A 49 -9.29 5.92 -5.58
N VAL A 50 -8.22 5.96 -4.80
CA VAL A 50 -7.38 7.16 -4.72
C VAL A 50 -5.95 6.85 -5.14
N ARG A 51 -5.16 7.90 -5.31
CA ARG A 51 -3.77 7.74 -5.68
C ARG A 51 -2.90 7.94 -4.44
N ILE A 52 -2.04 6.99 -4.20
CA ILE A 52 -1.21 7.02 -3.01
C ILE A 52 0.26 6.88 -3.36
N LYS A 53 1.12 7.46 -2.56
CA LYS A 53 2.53 7.28 -2.70
C LYS A 53 3.03 6.36 -1.59
N VAL A 54 3.58 5.22 -1.95
CA VAL A 54 4.24 4.38 -0.98
C VAL A 54 5.51 5.08 -0.55
N GLU A 55 5.46 5.62 0.66
CA GLU A 55 6.49 6.49 1.17
C GLU A 55 7.64 5.70 1.75
N ARG A 56 7.30 4.58 2.38
CA ARG A 56 8.28 3.72 3.00
C ARG A 56 7.75 2.29 3.12
N VAL A 57 8.63 1.32 3.07
CA VAL A 57 8.23 -0.07 3.16
C VAL A 57 8.90 -0.76 4.34
N LEU A 58 8.14 -1.57 5.04
CA LEU A 58 8.67 -2.38 6.12
C LEU A 58 8.66 -3.85 5.68
N PRO A 59 9.48 -4.70 6.30
CA PRO A 59 9.60 -6.12 5.93
C PRO A 59 8.30 -6.93 6.01
N LYS A 60 7.21 -6.29 6.44
CA LYS A 60 5.94 -7.00 6.57
C LYS A 60 4.78 -6.20 5.96
N PHE A 61 4.97 -4.90 5.73
CA PHE A 61 3.90 -4.03 5.24
C PHE A 61 4.46 -2.68 4.81
N ALA A 62 3.70 -1.95 4.00
CA ALA A 62 4.14 -0.67 3.49
C ALA A 62 3.28 0.48 4.00
N PHE A 63 3.87 1.66 4.10
CA PHE A 63 3.18 2.86 4.55
C PHE A 63 3.04 3.82 3.38
N ALA A 64 1.82 4.30 3.13
CA ALA A 64 1.58 5.19 2.01
C ALA A 64 0.86 6.46 2.43
N SER A 65 1.13 7.54 1.71
CA SER A 65 0.44 8.79 1.93
C SER A 65 -0.49 9.07 0.74
N VAL A 66 -1.70 9.51 1.03
CA VAL A 66 -2.68 9.74 -0.01
C VAL A 66 -2.49 11.11 -0.66
N VAL A 67 -2.31 11.12 -1.97
CA VAL A 67 -2.08 12.34 -2.72
C VAL A 67 -3.31 12.72 -3.54
N GLU A 68 -4.47 12.29 -3.04
CA GLU A 68 -5.77 12.60 -3.64
C GLU A 68 -5.96 11.87 -4.97
N MET A 1 21.57 -17.35 -13.71
CA MET A 1 21.41 -15.90 -13.51
C MET A 1 20.83 -15.60 -12.14
N PHE A 2 21.68 -15.18 -11.22
CA PHE A 2 21.25 -14.80 -9.88
C PHE A 2 22.23 -13.81 -9.27
N ARG A 3 21.86 -12.55 -9.27
CA ARG A 3 22.64 -11.49 -8.64
C ARG A 3 21.71 -10.43 -8.06
N GLU A 4 21.67 -10.37 -6.73
CA GLU A 4 20.92 -9.34 -6.02
C GLU A 4 19.43 -9.40 -6.37
N GLU A 5 18.79 -10.46 -5.84
CA GLU A 5 17.36 -10.75 -6.05
C GLU A 5 16.91 -10.54 -7.51
N SER A 6 15.62 -10.31 -7.69
CA SER A 6 15.07 -10.03 -9.00
C SER A 6 14.12 -8.83 -8.91
N ARG A 7 13.14 -8.95 -8.01
CA ARG A 7 12.16 -7.90 -7.76
C ARG A 7 11.24 -8.33 -6.61
N SER A 8 11.80 -8.40 -5.41
CA SER A 8 11.09 -8.91 -4.26
C SER A 8 10.24 -7.83 -3.59
N VAL A 9 9.90 -6.80 -4.34
CA VAL A 9 9.10 -5.71 -3.83
C VAL A 9 7.99 -5.32 -4.81
N PRO A 10 6.73 -5.56 -4.45
CA PRO A 10 5.58 -5.16 -5.25
C PRO A 10 5.45 -3.64 -5.30
N VAL A 11 5.87 -2.99 -4.23
CA VAL A 11 5.87 -1.54 -4.13
C VAL A 11 7.22 -1.07 -3.61
N GLU A 12 7.62 0.13 -3.99
CA GLU A 12 8.92 0.65 -3.59
C GLU A 12 8.77 2.01 -2.92
N GLU A 13 9.76 2.34 -2.10
CA GLU A 13 9.76 3.60 -1.36
C GLU A 13 9.90 4.79 -2.30
N GLY A 14 8.93 5.69 -2.23
CA GLY A 14 8.97 6.88 -3.06
C GLY A 14 8.25 6.69 -4.37
N GLU A 15 7.36 5.71 -4.40
CA GLU A 15 6.62 5.40 -5.62
C GLU A 15 5.15 5.69 -5.44
N VAL A 16 4.42 5.76 -6.54
CA VAL A 16 3.02 6.12 -6.49
C VAL A 16 2.18 5.12 -7.29
N TYR A 17 1.10 4.64 -6.68
CA TYR A 17 0.25 3.63 -7.28
C TYR A 17 -1.21 3.98 -7.11
N ASP A 18 -2.05 3.48 -8.01
CA ASP A 18 -3.48 3.62 -7.87
C ASP A 18 -4.05 2.39 -7.16
N VAL A 19 -4.74 2.61 -6.05
CA VAL A 19 -5.20 1.51 -5.22
C VAL A 19 -6.66 1.68 -4.82
N THR A 20 -7.30 0.57 -4.50
CA THR A 20 -8.64 0.58 -3.98
C THR A 20 -8.62 0.10 -2.53
N ILE A 21 -9.15 0.91 -1.63
CA ILE A 21 -9.29 0.50 -0.24
C ILE A 21 -10.36 -0.59 -0.13
N GLN A 22 -9.93 -1.83 -0.14
CA GLN A 22 -10.85 -2.96 -0.12
C GLN A 22 -11.21 -3.32 1.31
N ASP A 23 -10.26 -3.14 2.21
CA ASP A 23 -10.47 -3.47 3.61
C ASP A 23 -10.12 -2.27 4.47
N ILE A 24 -10.55 -2.28 5.70
CA ILE A 24 -10.18 -1.25 6.65
C ILE A 24 -9.97 -1.92 8.00
N ALA A 25 -8.87 -1.59 8.64
CA ALA A 25 -8.52 -2.23 9.89
C ALA A 25 -9.34 -1.66 11.02
N ARG A 26 -9.40 -2.36 12.14
CA ARG A 26 -10.14 -1.90 13.31
C ARG A 26 -9.44 -0.68 13.91
N GLN A 27 -8.22 -0.46 13.45
CA GLN A 27 -7.44 0.73 13.78
C GLN A 27 -8.03 1.94 13.04
N GLY A 28 -8.83 1.67 12.02
CA GLY A 28 -9.51 2.72 11.29
C GLY A 28 -8.68 3.26 10.14
N ASP A 29 -7.65 2.52 9.75
CA ASP A 29 -6.82 2.93 8.63
C ASP A 29 -7.13 2.08 7.41
N GLY A 30 -7.10 2.70 6.24
CA GLY A 30 -7.47 2.02 5.02
C GLY A 30 -6.47 0.94 4.64
N ILE A 31 -6.99 -0.22 4.29
CA ILE A 31 -6.15 -1.35 3.93
C ILE A 31 -6.19 -1.59 2.42
N ALA A 32 -5.08 -1.30 1.78
CA ALA A 32 -4.93 -1.57 0.36
C ALA A 32 -4.12 -2.84 0.17
N ARG A 33 -4.37 -3.57 -0.90
CA ARG A 33 -3.64 -4.79 -1.17
C ARG A 33 -3.29 -4.90 -2.65
N ILE A 34 -2.01 -4.85 -2.95
CA ILE A 34 -1.53 -5.01 -4.31
C ILE A 34 -0.94 -6.38 -4.49
N GLU A 35 -1.68 -7.23 -5.18
CA GLU A 35 -1.29 -8.62 -5.43
C GLU A 35 -0.89 -9.35 -4.15
N GLY A 36 -1.45 -8.93 -3.03
CA GLY A 36 -1.18 -9.60 -1.76
C GLY A 36 -0.52 -8.71 -0.75
N PHE A 37 0.30 -7.76 -1.21
CA PHE A 37 1.02 -6.87 -0.31
C PHE A 37 0.09 -5.83 0.27
N VAL A 38 0.05 -5.74 1.59
CA VAL A 38 -0.86 -4.84 2.28
C VAL A 38 -0.23 -3.47 2.49
N ILE A 39 -1.01 -2.43 2.23
CA ILE A 39 -0.57 -1.05 2.39
C ILE A 39 -1.54 -0.30 3.32
N PHE A 40 -0.99 0.40 4.29
CA PHE A 40 -1.79 1.19 5.22
C PHE A 40 -1.92 2.62 4.72
N VAL A 41 -3.16 3.04 4.48
CA VAL A 41 -3.43 4.41 4.05
C VAL A 41 -4.36 5.10 5.04
N PRO A 42 -3.81 5.92 5.93
CA PRO A 42 -4.57 6.58 7.01
C PRO A 42 -5.60 7.58 6.48
N GLY A 43 -6.85 7.44 6.91
CA GLY A 43 -7.87 8.42 6.60
C GLY A 43 -8.82 7.98 5.49
N THR A 44 -8.51 6.87 4.83
CA THR A 44 -9.33 6.43 3.71
C THR A 44 -10.46 5.51 4.17
N LYS A 45 -11.53 5.45 3.37
CA LYS A 45 -12.66 4.61 3.68
C LYS A 45 -12.74 3.44 2.69
N VAL A 46 -13.40 2.37 3.07
CA VAL A 46 -13.58 1.23 2.19
C VAL A 46 -14.29 1.65 0.91
N GLY A 47 -13.66 1.38 -0.22
CA GLY A 47 -14.24 1.75 -1.48
C GLY A 47 -13.50 2.90 -2.14
N ASP A 48 -12.66 3.57 -1.39
CA ASP A 48 -11.89 4.69 -1.94
C ASP A 48 -10.86 4.20 -2.93
N GLU A 49 -11.01 4.63 -4.17
CA GLU A 49 -10.06 4.30 -5.21
C GLU A 49 -9.23 5.53 -5.53
N VAL A 50 -8.06 5.61 -4.94
CA VAL A 50 -7.21 6.79 -5.03
C VAL A 50 -5.78 6.43 -5.37
N ARG A 51 -4.97 7.44 -5.61
CA ARG A 51 -3.56 7.24 -5.88
C ARG A 51 -2.75 7.59 -4.65
N ILE A 52 -1.91 6.66 -4.23
CA ILE A 52 -1.14 6.83 -3.00
C ILE A 52 0.35 6.87 -3.28
N LYS A 53 1.05 7.70 -2.54
CA LYS A 53 2.49 7.80 -2.63
C LYS A 53 3.11 6.95 -1.52
N VAL A 54 3.60 5.78 -1.88
CA VAL A 54 4.26 4.89 -0.93
C VAL A 54 5.57 5.50 -0.50
N GLU A 55 5.61 5.97 0.73
CA GLU A 55 6.77 6.71 1.23
C GLU A 55 7.76 5.79 1.94
N ARG A 56 7.28 4.68 2.47
CA ARG A 56 8.16 3.68 3.06
C ARG A 56 7.52 2.30 3.05
N VAL A 57 8.33 1.28 2.85
CA VAL A 57 7.87 -0.09 2.91
C VAL A 57 8.41 -0.78 4.15
N LEU A 58 7.59 -1.61 4.76
CA LEU A 58 7.98 -2.38 5.93
C LEU A 58 7.94 -3.86 5.58
N PRO A 59 8.63 -4.71 6.35
CA PRO A 59 8.75 -6.15 6.06
C PRO A 59 7.41 -6.86 5.85
N LYS A 60 6.35 -6.36 6.47
CA LYS A 60 5.06 -7.04 6.38
C LYS A 60 3.95 -6.14 5.80
N PHE A 61 4.27 -4.88 5.51
CA PHE A 61 3.26 -3.93 5.04
C PHE A 61 3.91 -2.65 4.54
N ALA A 62 3.17 -1.86 3.77
CA ALA A 62 3.69 -0.59 3.28
C ALA A 62 2.92 0.58 3.89
N PHE A 63 3.53 1.75 3.90
CA PHE A 63 2.89 2.95 4.43
C PHE A 63 2.90 4.02 3.35
N ALA A 64 1.74 4.61 3.09
CA ALA A 64 1.61 5.59 2.02
C ALA A 64 0.60 6.67 2.37
N SER A 65 0.72 7.81 1.70
CA SER A 65 -0.21 8.91 1.87
C SER A 65 -0.97 9.19 0.57
N VAL A 66 -2.11 9.86 0.68
CA VAL A 66 -2.95 10.12 -0.48
C VAL A 66 -2.45 11.32 -1.28
N VAL A 67 -2.19 11.11 -2.56
CA VAL A 67 -1.72 12.18 -3.43
C VAL A 67 -2.70 12.41 -4.59
N GLU A 68 -3.98 12.20 -4.30
CA GLU A 68 -5.04 12.41 -5.29
C GLU A 68 -5.03 13.86 -5.76
N MET A 1 21.94 -0.02 -5.70
CA MET A 1 21.52 -1.19 -6.50
C MET A 1 22.63 -2.23 -6.56
N PHE A 2 23.37 -2.37 -5.47
CA PHE A 2 24.42 -3.38 -5.40
C PHE A 2 23.80 -4.73 -5.07
N ARG A 3 24.51 -5.80 -5.43
CA ARG A 3 23.99 -7.18 -5.37
C ARG A 3 23.00 -7.38 -6.51
N GLU A 4 22.86 -8.61 -6.97
CA GLU A 4 21.91 -8.92 -8.03
C GLU A 4 20.53 -9.17 -7.42
N GLU A 5 20.00 -8.17 -6.74
CA GLU A 5 18.74 -8.31 -6.05
C GLU A 5 17.57 -7.92 -6.97
N SER A 6 16.58 -8.79 -7.01
CA SER A 6 15.34 -8.47 -7.69
C SER A 6 14.22 -8.40 -6.65
N ARG A 7 14.11 -9.49 -5.88
CA ARG A 7 13.13 -9.62 -4.79
C ARG A 7 11.69 -9.68 -5.29
N SER A 8 11.39 -8.91 -6.33
CA SER A 8 10.05 -8.85 -6.92
C SER A 8 9.03 -8.33 -5.91
N VAL A 9 9.14 -7.04 -5.60
CA VAL A 9 8.24 -6.40 -4.67
C VAL A 9 7.10 -5.72 -5.42
N PRO A 10 5.88 -5.76 -4.87
CA PRO A 10 4.71 -5.13 -5.48
C PRO A 10 4.79 -3.60 -5.44
N VAL A 11 5.44 -3.06 -4.41
CA VAL A 11 5.57 -1.63 -4.24
C VAL A 11 6.99 -1.26 -3.82
N GLU A 12 7.37 -0.02 -4.09
CA GLU A 12 8.68 0.48 -3.70
C GLU A 12 8.55 1.86 -3.06
N GLU A 13 9.58 2.26 -2.31
CA GLU A 13 9.56 3.53 -1.59
C GLU A 13 9.56 4.73 -2.54
N GLY A 14 8.67 5.67 -2.26
CA GLY A 14 8.62 6.93 -2.98
C GLY A 14 7.96 6.80 -4.33
N GLU A 15 6.95 5.96 -4.43
CA GLU A 15 6.25 5.78 -5.70
C GLU A 15 4.77 6.02 -5.54
N VAL A 16 4.08 6.20 -6.65
CA VAL A 16 2.67 6.54 -6.64
C VAL A 16 1.85 5.51 -7.38
N TYR A 17 0.88 4.93 -6.70
CA TYR A 17 0.01 3.93 -7.29
C TYR A 17 -1.44 4.33 -7.12
N ASP A 18 -2.26 3.99 -8.09
CA ASP A 18 -3.70 4.15 -7.97
C ASP A 18 -4.30 2.88 -7.39
N VAL A 19 -4.50 2.88 -6.08
CA VAL A 19 -4.91 1.68 -5.37
C VAL A 19 -6.37 1.74 -4.98
N THR A 20 -6.93 0.58 -4.68
CA THR A 20 -8.29 0.49 -4.20
C THR A 20 -8.30 0.07 -2.73
N ILE A 21 -8.86 0.92 -1.86
CA ILE A 21 -9.00 0.58 -0.46
C ILE A 21 -10.04 -0.51 -0.32
N GLN A 22 -9.59 -1.72 -0.04
CA GLN A 22 -10.47 -2.88 0.00
C GLN A 22 -10.90 -3.21 1.42
N ASP A 23 -10.12 -2.77 2.39
CA ASP A 23 -10.37 -3.13 3.79
C ASP A 23 -10.07 -1.97 4.73
N ILE A 24 -10.56 -2.07 5.96
CA ILE A 24 -10.36 -1.04 6.96
C ILE A 24 -9.71 -1.66 8.19
N ALA A 25 -8.67 -1.03 8.69
CA ALA A 25 -7.89 -1.56 9.78
C ALA A 25 -8.29 -0.95 11.11
N ARG A 26 -7.31 -0.89 12.01
CA ARG A 26 -7.46 -0.22 13.29
C ARG A 26 -8.07 1.16 13.10
N GLN A 27 -9.25 1.35 13.69
CA GLN A 27 -9.86 2.67 13.79
C GLN A 27 -10.39 3.17 12.44
N GLY A 28 -9.49 3.59 11.57
CA GLY A 28 -9.89 4.14 10.29
C GLY A 28 -8.77 4.12 9.27
N ASP A 29 -7.77 3.31 9.52
CA ASP A 29 -6.67 3.17 8.56
C ASP A 29 -7.12 2.28 7.42
N GLY A 30 -7.05 2.78 6.21
CA GLY A 30 -7.46 2.01 5.06
C GLY A 30 -6.41 1.02 4.65
N ILE A 31 -6.84 -0.18 4.31
CA ILE A 31 -5.93 -1.23 3.91
C ILE A 31 -6.06 -1.51 2.42
N ALA A 32 -4.99 -1.21 1.70
CA ALA A 32 -4.93 -1.49 0.28
C ALA A 32 -3.95 -2.62 0.02
N ARG A 33 -4.46 -3.76 -0.41
CA ARG A 33 -3.60 -4.88 -0.72
C ARG A 33 -3.32 -4.94 -2.21
N ILE A 34 -2.07 -4.76 -2.58
CA ILE A 34 -1.66 -4.96 -3.96
C ILE A 34 -1.15 -6.38 -4.14
N GLU A 35 -1.94 -7.17 -4.83
CA GLU A 35 -1.68 -8.60 -5.02
C GLU A 35 -1.49 -9.33 -3.68
N GLY A 36 -2.02 -8.74 -2.62
CA GLY A 36 -1.92 -9.36 -1.30
C GLY A 36 -1.12 -8.54 -0.32
N PHE A 37 -0.20 -7.72 -0.81
CA PHE A 37 0.68 -6.94 0.05
C PHE A 37 -0.12 -5.83 0.77
N VAL A 38 0.01 -5.79 2.08
CA VAL A 38 -0.78 -4.87 2.90
C VAL A 38 -0.14 -3.48 2.98
N ILE A 39 -0.83 -2.49 2.46
CA ILE A 39 -0.40 -1.10 2.57
C ILE A 39 -1.36 -0.33 3.47
N PHE A 40 -0.82 0.44 4.41
CA PHE A 40 -1.63 1.22 5.33
C PHE A 40 -1.82 2.64 4.82
N VAL A 41 -3.08 3.04 4.67
CA VAL A 41 -3.42 4.38 4.23
C VAL A 41 -4.42 4.99 5.21
N PRO A 42 -3.92 5.71 6.23
CA PRO A 42 -4.75 6.27 7.30
C PRO A 42 -5.81 7.25 6.80
N GLY A 43 -7.07 6.94 7.06
CA GLY A 43 -8.14 7.85 6.69
C GLY A 43 -8.71 7.59 5.31
N THR A 44 -9.25 6.40 5.10
CA THR A 44 -9.88 6.05 3.82
C THR A 44 -11.10 5.16 4.05
N LYS A 45 -11.82 4.86 2.98
CA LYS A 45 -13.02 4.05 3.06
C LYS A 45 -12.97 2.93 2.03
N VAL A 46 -13.61 1.80 2.34
CA VAL A 46 -13.66 0.68 1.40
C VAL A 46 -14.31 1.10 0.08
N GLY A 47 -13.53 1.04 -0.99
CA GLY A 47 -14.03 1.44 -2.29
C GLY A 47 -13.27 2.62 -2.86
N ASP A 48 -12.41 3.21 -2.04
CA ASP A 48 -11.63 4.37 -2.47
C ASP A 48 -10.53 3.97 -3.44
N GLU A 49 -10.73 4.28 -4.71
CA GLU A 49 -9.67 4.18 -5.70
C GLU A 49 -8.92 5.49 -5.73
N VAL A 50 -7.81 5.53 -5.03
CA VAL A 50 -7.08 6.77 -4.85
C VAL A 50 -5.60 6.62 -5.21
N ARG A 51 -5.01 7.73 -5.63
CA ARG A 51 -3.58 7.80 -5.86
C ARG A 51 -2.85 7.98 -4.55
N ILE A 52 -1.88 7.14 -4.32
CA ILE A 52 -1.11 7.18 -3.08
C ILE A 52 0.38 7.07 -3.37
N LYS A 53 1.17 7.74 -2.56
CA LYS A 53 2.61 7.60 -2.65
C LYS A 53 3.09 6.70 -1.54
N VAL A 54 3.57 5.52 -1.90
CA VAL A 54 4.16 4.62 -0.92
C VAL A 54 5.44 5.26 -0.42
N GLU A 55 5.42 5.63 0.85
CA GLU A 55 6.47 6.45 1.43
C GLU A 55 7.56 5.60 2.06
N ARG A 56 7.17 4.46 2.60
CA ARG A 56 8.08 3.63 3.37
C ARG A 56 7.59 2.19 3.37
N VAL A 57 8.49 1.27 3.06
CA VAL A 57 8.12 -0.14 2.99
C VAL A 57 8.83 -0.94 4.08
N LEU A 58 8.11 -1.86 4.68
CA LEU A 58 8.66 -2.80 5.62
C LEU A 58 8.34 -4.22 5.13
N PRO A 59 9.16 -5.21 5.49
CA PRO A 59 8.97 -6.61 5.05
C PRO A 59 7.58 -7.16 5.40
N LYS A 60 6.88 -6.49 6.31
CA LYS A 60 5.57 -6.93 6.74
C LYS A 60 4.45 -6.12 6.06
N PHE A 61 4.70 -4.84 5.83
CA PHE A 61 3.68 -3.94 5.30
C PHE A 61 4.30 -2.60 4.89
N ALA A 62 3.51 -1.73 4.27
CA ALA A 62 4.02 -0.45 3.81
C ALA A 62 3.09 0.69 4.20
N PHE A 63 3.62 1.91 4.22
CA PHE A 63 2.83 3.11 4.46
C PHE A 63 2.70 3.90 3.18
N ALA A 64 1.62 4.66 3.05
CA ALA A 64 1.44 5.49 1.86
C ALA A 64 0.80 6.84 2.21
N SER A 65 1.24 7.88 1.52
CA SER A 65 0.66 9.20 1.65
C SER A 65 -0.39 9.39 0.55
N VAL A 66 -1.51 10.01 0.90
CA VAL A 66 -2.58 10.21 -0.06
C VAL A 66 -2.30 11.43 -0.94
N VAL A 67 -2.18 11.19 -2.24
CA VAL A 67 -1.91 12.27 -3.19
C VAL A 67 -3.05 12.39 -4.20
N GLU A 68 -4.19 11.86 -3.81
CA GLU A 68 -5.38 11.90 -4.66
C GLU A 68 -6.19 13.14 -4.33
N MET A 1 17.97 -9.06 2.75
CA MET A 1 19.03 -10.06 2.46
C MET A 1 18.58 -11.43 2.96
N PHE A 2 17.63 -12.04 2.26
CA PHE A 2 17.03 -13.29 2.69
C PHE A 2 17.40 -14.42 1.73
N ARG A 3 17.79 -14.05 0.52
CA ARG A 3 18.11 -15.03 -0.52
C ARG A 3 19.16 -14.47 -1.47
N GLU A 4 18.83 -13.31 -2.00
CA GLU A 4 19.61 -12.66 -3.04
C GLU A 4 18.88 -11.38 -3.40
N GLU A 5 17.60 -11.38 -3.02
CA GLU A 5 16.71 -10.23 -3.16
C GLU A 5 16.31 -10.07 -4.61
N SER A 6 15.88 -8.86 -4.97
CA SER A 6 15.14 -8.61 -6.22
C SER A 6 13.94 -9.54 -6.25
N ARG A 7 13.43 -9.80 -5.05
CA ARG A 7 12.29 -10.70 -4.86
C ARG A 7 10.97 -9.92 -4.95
N SER A 8 9.91 -10.48 -4.39
CA SER A 8 8.59 -9.88 -4.47
C SER A 8 8.54 -8.53 -3.75
N VAL A 9 8.59 -7.46 -4.54
CA VAL A 9 8.41 -6.10 -4.04
C VAL A 9 7.54 -5.31 -5.02
N PRO A 10 6.21 -5.38 -4.84
CA PRO A 10 5.25 -4.77 -5.76
C PRO A 10 5.16 -3.26 -5.63
N VAL A 11 5.67 -2.74 -4.52
CA VAL A 11 5.66 -1.31 -4.27
C VAL A 11 7.03 -0.81 -3.84
N GLU A 12 7.36 0.39 -4.28
CA GLU A 12 8.65 1.00 -3.94
C GLU A 12 8.45 2.32 -3.22
N GLU A 13 9.38 2.65 -2.34
CA GLU A 13 9.31 3.87 -1.56
C GLU A 13 9.44 5.11 -2.45
N GLY A 14 8.51 6.04 -2.28
CA GLY A 14 8.52 7.27 -3.04
C GLY A 14 7.81 7.11 -4.37
N GLU A 15 6.86 6.18 -4.43
CA GLU A 15 6.15 5.94 -5.69
C GLU A 15 4.65 6.09 -5.54
N VAL A 16 4.01 6.35 -6.65
CA VAL A 16 2.58 6.63 -6.67
C VAL A 16 1.85 5.51 -7.42
N TYR A 17 0.80 5.00 -6.81
CA TYR A 17 0.02 3.92 -7.40
C TYR A 17 -1.48 4.24 -7.33
N ASP A 18 -2.23 3.72 -8.28
CA ASP A 18 -3.68 3.89 -8.29
C ASP A 18 -4.33 2.68 -7.63
N VAL A 19 -4.88 2.87 -6.44
CA VAL A 19 -5.41 1.75 -5.69
C VAL A 19 -6.82 2.03 -5.16
N THR A 20 -7.63 1.00 -5.13
CA THR A 20 -8.91 1.04 -4.45
C THR A 20 -8.74 0.46 -3.06
N ILE A 21 -9.38 1.07 -2.07
CA ILE A 21 -9.25 0.61 -0.70
C ILE A 21 -10.17 -0.58 -0.43
N GLN A 22 -9.59 -1.69 0.04
CA GLN A 22 -10.35 -2.91 0.30
C GLN A 22 -11.18 -2.78 1.56
N ASP A 23 -10.52 -2.49 2.67
CA ASP A 23 -11.18 -2.39 3.96
C ASP A 23 -10.64 -1.22 4.77
N ILE A 24 -11.18 -1.06 5.97
CA ILE A 24 -10.78 0.00 6.87
C ILE A 24 -10.33 -0.60 8.18
N ALA A 25 -9.15 -0.23 8.62
CA ALA A 25 -8.62 -0.72 9.87
C ALA A 25 -9.10 0.15 11.01
N ARG A 26 -9.31 -0.46 12.17
CA ARG A 26 -9.92 0.23 13.31
C ARG A 26 -9.07 1.41 13.78
N GLN A 27 -7.82 1.44 13.36
CA GLN A 27 -6.93 2.55 13.70
C GLN A 27 -7.34 3.83 12.98
N GLY A 28 -8.04 3.68 11.86
CA GLY A 28 -8.40 4.83 11.05
C GLY A 28 -7.61 4.88 9.77
N ASP A 29 -7.01 3.75 9.41
CA ASP A 29 -6.24 3.65 8.18
C ASP A 29 -6.93 2.71 7.23
N GLY A 30 -6.71 2.90 5.94
CA GLY A 30 -7.32 2.05 4.95
C GLY A 30 -6.43 0.88 4.59
N ILE A 31 -7.03 -0.26 4.33
CA ILE A 31 -6.30 -1.47 4.00
C ILE A 31 -6.32 -1.70 2.50
N ALA A 32 -5.16 -1.52 1.88
CA ALA A 32 -5.00 -1.80 0.46
C ALA A 32 -4.08 -3.01 0.29
N ARG A 33 -4.09 -3.60 -0.89
CA ARG A 33 -3.28 -4.77 -1.15
C ARG A 33 -2.77 -4.78 -2.58
N ILE A 34 -1.49 -5.03 -2.76
CA ILE A 34 -0.92 -5.22 -4.08
C ILE A 34 -0.13 -6.52 -4.13
N GLU A 35 -0.57 -7.44 -4.97
CA GLU A 35 0.01 -8.78 -5.06
C GLU A 35 -0.06 -9.48 -3.70
N GLY A 36 -1.05 -9.08 -2.91
CA GLY A 36 -1.24 -9.68 -1.60
C GLY A 36 -0.52 -8.92 -0.50
N PHE A 37 0.40 -8.05 -0.89
CA PHE A 37 1.16 -7.25 0.07
C PHE A 37 0.28 -6.14 0.63
N VAL A 38 0.09 -6.15 1.94
CA VAL A 38 -0.82 -5.22 2.59
C VAL A 38 -0.21 -3.84 2.73
N ILE A 39 -0.96 -2.83 2.28
CA ILE A 39 -0.52 -1.45 2.36
C ILE A 39 -1.51 -0.64 3.20
N PHE A 40 -1.00 0.11 4.17
CA PHE A 40 -1.85 0.92 5.03
C PHE A 40 -1.82 2.38 4.60
N VAL A 41 -2.99 2.95 4.34
CA VAL A 41 -3.11 4.32 3.90
C VAL A 41 -4.00 5.11 4.86
N PRO A 42 -3.40 6.01 5.65
CA PRO A 42 -4.13 6.82 6.64
C PRO A 42 -5.21 7.70 6.01
N GLY A 43 -6.42 7.59 6.52
CA GLY A 43 -7.50 8.46 6.09
C GLY A 43 -8.06 8.11 4.73
N THR A 44 -8.65 6.93 4.63
CA THR A 44 -9.30 6.50 3.40
C THR A 44 -10.67 5.87 3.70
N LYS A 45 -11.30 5.29 2.68
CA LYS A 45 -12.65 4.76 2.85
C LYS A 45 -12.82 3.46 2.04
N VAL A 46 -13.74 2.60 2.49
CA VAL A 46 -14.01 1.33 1.81
C VAL A 46 -14.45 1.58 0.37
N GLY A 47 -13.69 1.02 -0.57
CA GLY A 47 -14.02 1.14 -1.97
C GLY A 47 -13.61 2.46 -2.57
N ASP A 48 -12.92 3.28 -1.77
CA ASP A 48 -12.48 4.59 -2.24
C ASP A 48 -11.28 4.42 -3.17
N GLU A 49 -11.41 4.93 -4.39
CA GLU A 49 -10.34 4.84 -5.36
C GLU A 49 -9.42 6.05 -5.22
N VAL A 50 -8.25 5.82 -4.66
CA VAL A 50 -7.32 6.90 -4.40
C VAL A 50 -5.93 6.59 -4.94
N ARG A 51 -5.24 7.62 -5.37
CA ARG A 51 -3.88 7.48 -5.84
C ARG A 51 -2.93 7.86 -4.71
N ILE A 52 -2.14 6.91 -4.29
CA ILE A 52 -1.33 7.05 -3.09
C ILE A 52 0.15 7.00 -3.42
N LYS A 53 0.94 7.62 -2.56
CA LYS A 53 2.38 7.50 -2.65
C LYS A 53 2.87 6.57 -1.56
N VAL A 54 3.47 5.46 -1.94
CA VAL A 54 4.08 4.58 -0.98
C VAL A 54 5.30 5.26 -0.41
N GLU A 55 5.26 5.47 0.90
CA GLU A 55 6.29 6.20 1.61
C GLU A 55 7.35 5.27 2.15
N ARG A 56 6.91 4.18 2.77
CA ARG A 56 7.80 3.28 3.48
C ARG A 56 7.46 1.83 3.16
N VAL A 57 8.48 0.99 3.06
CA VAL A 57 8.27 -0.44 2.85
C VAL A 57 8.97 -1.25 3.94
N LEU A 58 8.19 -1.95 4.73
CA LEU A 58 8.71 -2.75 5.82
C LEU A 58 8.48 -4.23 5.52
N PRO A 59 9.34 -5.12 6.04
CA PRO A 59 9.19 -6.57 5.85
C PRO A 59 7.96 -7.12 6.59
N LYS A 60 7.11 -6.23 7.06
CA LYS A 60 5.90 -6.59 7.77
C LYS A 60 4.67 -6.08 7.02
N PHE A 61 4.82 -4.94 6.34
CA PHE A 61 3.71 -4.28 5.66
C PHE A 61 4.23 -3.04 4.93
N ALA A 62 3.39 -2.44 4.10
CA ALA A 62 3.74 -1.21 3.42
C ALA A 62 2.97 -0.03 3.99
N PHE A 63 3.59 1.14 4.01
CA PHE A 63 2.94 2.34 4.49
C PHE A 63 2.94 3.40 3.40
N ALA A 64 1.74 3.88 3.06
CA ALA A 64 1.61 4.85 1.99
C ALA A 64 0.68 5.98 2.40
N SER A 65 0.89 7.14 1.81
CA SER A 65 0.05 8.29 2.09
C SER A 65 -0.74 8.66 0.83
N VAL A 66 -1.96 9.14 1.00
CA VAL A 66 -2.81 9.45 -0.13
C VAL A 66 -2.47 10.82 -0.73
N VAL A 67 -2.04 10.80 -1.98
CA VAL A 67 -1.72 12.05 -2.69
C VAL A 67 -2.92 12.47 -3.52
N GLU A 68 -4.01 11.76 -3.28
CA GLU A 68 -5.31 11.99 -3.90
C GLU A 68 -5.29 11.59 -5.37
N MET A 1 13.61 -12.07 -4.38
CA MET A 1 14.62 -12.92 -3.70
C MET A 1 14.95 -14.16 -4.54
N PHE A 2 16.19 -14.22 -5.03
CA PHE A 2 16.70 -15.37 -5.79
C PHE A 2 15.94 -15.54 -7.10
N ARG A 3 16.53 -14.99 -8.17
CA ARG A 3 15.88 -14.89 -9.48
C ARG A 3 14.78 -13.83 -9.45
N GLU A 4 14.48 -13.38 -8.24
CA GLU A 4 13.62 -12.22 -7.99
C GLU A 4 12.17 -12.43 -8.40
N GLU A 5 11.82 -13.68 -8.72
CA GLU A 5 10.42 -14.07 -8.88
C GLU A 5 9.74 -13.21 -9.94
N SER A 6 8.42 -13.07 -9.84
CA SER A 6 7.69 -12.20 -10.74
C SER A 6 7.65 -10.79 -10.18
N ARG A 7 7.43 -10.68 -8.88
CA ARG A 7 7.36 -9.38 -8.23
C ARG A 7 8.47 -9.19 -7.20
N SER A 8 8.42 -10.02 -6.14
CA SER A 8 9.33 -9.95 -4.97
C SER A 8 9.10 -8.68 -4.14
N VAL A 9 8.52 -7.70 -4.79
CA VAL A 9 8.15 -6.42 -4.20
C VAL A 9 7.05 -5.78 -5.03
N PRO A 10 5.80 -5.80 -4.54
CA PRO A 10 4.65 -5.24 -5.24
C PRO A 10 4.79 -3.73 -5.46
N VAL A 11 5.27 -3.04 -4.43
CA VAL A 11 5.43 -1.60 -4.48
C VAL A 11 6.84 -1.20 -4.05
N GLU A 12 7.25 0.01 -4.38
CA GLU A 12 8.55 0.51 -4.00
C GLU A 12 8.43 1.90 -3.38
N GLU A 13 9.41 2.26 -2.56
CA GLU A 13 9.38 3.51 -1.81
C GLU A 13 9.47 4.73 -2.73
N GLY A 14 8.60 5.69 -2.46
CA GLY A 14 8.60 6.95 -3.16
C GLY A 14 7.88 6.86 -4.49
N GLU A 15 6.87 6.02 -4.57
CA GLU A 15 6.12 5.87 -5.82
C GLU A 15 4.63 6.03 -5.57
N VAL A 16 3.92 6.42 -6.60
CA VAL A 16 2.50 6.72 -6.47
C VAL A 16 1.66 5.79 -7.35
N TYR A 17 0.67 5.17 -6.74
CA TYR A 17 -0.19 4.23 -7.43
C TYR A 17 -1.65 4.64 -7.24
N ASP A 18 -2.40 4.66 -8.33
CA ASP A 18 -3.83 4.94 -8.27
C ASP A 18 -4.56 3.67 -7.88
N VAL A 19 -4.86 3.54 -6.60
CA VAL A 19 -5.39 2.29 -6.06
C VAL A 19 -6.83 2.44 -5.61
N THR A 20 -7.45 1.32 -5.29
CA THR A 20 -8.76 1.31 -4.68
C THR A 20 -8.67 0.60 -3.33
N ILE A 21 -9.17 1.24 -2.28
CA ILE A 21 -9.07 0.71 -0.94
C ILE A 21 -9.93 -0.54 -0.79
N GLN A 22 -9.25 -1.65 -0.53
CA GLN A 22 -9.89 -2.96 -0.48
C GLN A 22 -10.51 -3.23 0.89
N ASP A 23 -9.82 -2.85 1.95
CA ASP A 23 -10.29 -3.11 3.31
C ASP A 23 -9.94 -1.94 4.21
N ILE A 24 -10.33 -2.04 5.48
CA ILE A 24 -10.11 -0.96 6.44
C ILE A 24 -9.63 -1.55 7.75
N ALA A 25 -8.44 -1.14 8.16
CA ALA A 25 -7.88 -1.60 9.42
C ALA A 25 -8.63 -0.95 10.58
N ARG A 26 -8.68 -1.66 11.69
CA ARG A 26 -9.41 -1.20 12.88
C ARG A 26 -9.07 0.26 13.23
N GLN A 27 -7.82 0.65 13.02
CA GLN A 27 -7.34 1.97 13.39
C GLN A 27 -7.89 3.06 12.46
N GLY A 28 -8.45 2.65 11.32
CA GLY A 28 -8.91 3.60 10.34
C GLY A 28 -7.96 3.72 9.17
N ASP A 29 -6.98 2.84 9.15
CA ASP A 29 -6.01 2.78 8.06
C ASP A 29 -6.60 2.02 6.89
N GLY A 30 -6.65 2.66 5.73
CA GLY A 30 -7.16 2.01 4.54
C GLY A 30 -6.20 0.97 4.02
N ILE A 31 -6.69 -0.23 3.81
CA ILE A 31 -5.85 -1.34 3.40
C ILE A 31 -5.87 -1.50 1.89
N ALA A 32 -4.78 -1.12 1.25
CA ALA A 32 -4.58 -1.42 -0.15
C ALA A 32 -3.72 -2.66 -0.28
N ARG A 33 -4.37 -3.80 -0.42
CA ARG A 33 -3.67 -5.07 -0.42
C ARG A 33 -3.34 -5.51 -1.84
N ILE A 34 -2.11 -5.24 -2.25
CA ILE A 34 -1.66 -5.59 -3.58
C ILE A 34 -1.00 -6.96 -3.58
N GLU A 35 -1.67 -7.90 -4.22
CA GLU A 35 -1.21 -9.29 -4.32
C GLU A 35 -0.99 -9.91 -2.94
N GLY A 36 -1.71 -9.40 -1.94
CA GLY A 36 -1.58 -9.92 -0.59
C GLY A 36 -0.78 -9.00 0.31
N PHE A 37 0.02 -8.14 -0.30
CA PHE A 37 0.86 -7.21 0.45
C PHE A 37 0.01 -6.08 1.01
N VAL A 38 0.06 -5.90 2.33
CA VAL A 38 -0.80 -4.93 3.00
C VAL A 38 -0.14 -3.56 3.09
N ILE A 39 -0.76 -2.59 2.44
CA ILE A 39 -0.32 -1.20 2.53
C ILE A 39 -1.34 -0.39 3.33
N PHE A 40 -0.86 0.29 4.37
CA PHE A 40 -1.74 1.07 5.23
C PHE A 40 -1.79 2.53 4.78
N VAL A 41 -3.00 2.99 4.48
CA VAL A 41 -3.23 4.39 4.13
C VAL A 41 -4.38 4.96 4.95
N PRO A 42 -4.08 5.53 6.13
CA PRO A 42 -5.08 6.02 7.07
C PRO A 42 -5.90 7.19 6.51
N GLY A 43 -7.22 7.15 6.75
CA GLY A 43 -8.08 8.25 6.34
C GLY A 43 -9.00 7.88 5.20
N THR A 44 -8.76 6.73 4.59
CA THR A 44 -9.57 6.29 3.46
C THR A 44 -10.70 5.37 3.92
N LYS A 45 -11.51 4.88 2.98
CA LYS A 45 -12.62 4.00 3.30
C LYS A 45 -12.79 2.93 2.22
N VAL A 46 -13.55 1.89 2.51
CA VAL A 46 -13.76 0.78 1.57
C VAL A 46 -14.35 1.29 0.26
N GLY A 47 -13.62 1.09 -0.82
CA GLY A 47 -14.12 1.50 -2.12
C GLY A 47 -13.55 2.83 -2.58
N ASP A 48 -12.79 3.48 -1.70
CA ASP A 48 -12.21 4.78 -2.02
C ASP A 48 -11.02 4.59 -2.96
N GLU A 49 -11.17 5.06 -4.18
CA GLU A 49 -10.13 4.93 -5.18
C GLU A 49 -9.35 6.23 -5.33
N VAL A 50 -8.11 6.21 -4.84
CA VAL A 50 -7.26 7.40 -4.84
C VAL A 50 -5.82 7.02 -5.14
N ARG A 51 -5.03 8.00 -5.53
CA ARG A 51 -3.62 7.82 -5.75
C ARG A 51 -2.88 7.92 -4.43
N ILE A 52 -2.13 6.88 -4.09
CA ILE A 52 -1.34 6.88 -2.88
C ILE A 52 0.13 6.76 -3.22
N LYS A 53 0.96 7.55 -2.55
CA LYS A 53 2.39 7.43 -2.71
C LYS A 53 2.97 6.64 -1.55
N VAL A 54 3.50 5.47 -1.87
CA VAL A 54 4.15 4.64 -0.87
C VAL A 54 5.44 5.32 -0.43
N GLU A 55 5.52 5.59 0.86
CA GLU A 55 6.64 6.35 1.42
C GLU A 55 7.72 5.41 1.94
N ARG A 56 7.29 4.38 2.67
CA ARG A 56 8.22 3.50 3.37
C ARG A 56 7.73 2.06 3.28
N VAL A 57 8.65 1.13 3.04
CA VAL A 57 8.30 -0.27 3.01
C VAL A 57 8.99 -1.03 4.16
N LEU A 58 8.24 -1.89 4.81
CA LEU A 58 8.75 -2.71 5.89
C LEU A 58 8.53 -4.17 5.56
N PRO A 59 9.33 -5.09 6.14
CA PRO A 59 9.22 -6.53 5.86
C PRO A 59 7.85 -7.11 6.17
N LYS A 60 7.05 -6.39 6.95
CA LYS A 60 5.74 -6.90 7.37
C LYS A 60 4.59 -6.13 6.69
N PHE A 61 4.87 -4.90 6.25
CA PHE A 61 3.81 -4.05 5.69
C PHE A 61 4.41 -2.78 5.09
N ALA A 62 3.57 -2.00 4.41
CA ALA A 62 4.02 -0.74 3.84
C ALA A 62 3.11 0.40 4.25
N PHE A 63 3.63 1.62 4.20
CA PHE A 63 2.88 2.81 4.55
C PHE A 63 2.89 3.80 3.39
N ALA A 64 1.74 4.38 3.10
CA ALA A 64 1.61 5.30 1.97
C ALA A 64 0.80 6.53 2.35
N SER A 65 0.91 7.57 1.53
CA SER A 65 0.19 8.81 1.77
C SER A 65 -0.79 9.10 0.63
N VAL A 66 -1.93 9.69 0.97
CA VAL A 66 -2.93 10.02 -0.03
C VAL A 66 -2.54 11.29 -0.78
N VAL A 67 -2.52 11.22 -2.10
CA VAL A 67 -2.22 12.40 -2.91
C VAL A 67 -3.36 12.67 -3.88
N GLU A 68 -4.48 12.02 -3.64
CA GLU A 68 -5.68 12.14 -4.47
C GLU A 68 -5.40 11.67 -5.90
N MET A 1 20.53 -21.74 -15.52
CA MET A 1 20.76 -20.44 -14.85
C MET A 1 19.66 -20.16 -13.83
N PHE A 2 18.42 -20.11 -14.32
CA PHE A 2 17.26 -19.76 -13.50
C PHE A 2 17.37 -18.33 -12.96
N ARG A 3 16.49 -17.98 -12.03
CA ARG A 3 16.48 -16.65 -11.47
C ARG A 3 15.84 -16.62 -10.09
N GLU A 4 14.81 -17.45 -9.92
CA GLU A 4 13.97 -17.47 -8.73
C GLU A 4 13.04 -16.26 -8.74
N GLU A 5 11.81 -16.50 -9.20
CA GLU A 5 10.83 -15.44 -9.38
C GLU A 5 10.24 -14.99 -8.05
N SER A 6 9.11 -14.28 -8.15
CA SER A 6 8.48 -13.65 -7.00
C SER A 6 9.28 -12.42 -6.59
N ARG A 7 9.11 -11.37 -7.37
CA ARG A 7 9.81 -10.10 -7.15
C ARG A 7 9.63 -9.59 -5.72
N SER A 8 10.70 -9.08 -5.15
CA SER A 8 10.69 -8.57 -3.78
C SER A 8 9.83 -7.32 -3.68
N VAL A 9 8.59 -7.53 -3.26
CA VAL A 9 7.64 -6.46 -2.96
C VAL A 9 7.20 -5.72 -4.24
N PRO A 10 5.91 -5.80 -4.56
CA PRO A 10 5.35 -5.19 -5.78
C PRO A 10 5.29 -3.66 -5.71
N VAL A 11 5.60 -3.10 -4.56
CA VAL A 11 5.60 -1.65 -4.37
C VAL A 11 6.86 -1.21 -3.65
N GLU A 12 7.53 -0.20 -4.18
CA GLU A 12 8.75 0.30 -3.57
C GLU A 12 8.57 1.71 -3.03
N GLU A 13 9.61 2.17 -2.35
CA GLU A 13 9.60 3.48 -1.70
C GLU A 13 9.57 4.62 -2.72
N GLY A 14 8.61 5.51 -2.55
CA GLY A 14 8.52 6.71 -3.35
C GLY A 14 7.67 6.54 -4.59
N GLU A 15 6.86 5.48 -4.63
CA GLU A 15 6.06 5.22 -5.82
C GLU A 15 4.64 5.70 -5.65
N VAL A 16 3.94 5.88 -6.76
CA VAL A 16 2.56 6.37 -6.75
C VAL A 16 1.65 5.39 -7.50
N TYR A 17 0.61 4.92 -6.82
CA TYR A 17 -0.30 3.94 -7.40
C TYR A 17 -1.75 4.38 -7.28
N ASP A 18 -2.53 4.11 -8.32
CA ASP A 18 -3.98 4.28 -8.28
C ASP A 18 -4.58 3.06 -7.59
N VAL A 19 -4.87 3.18 -6.31
CA VAL A 19 -5.33 2.04 -5.53
C VAL A 19 -6.80 2.19 -5.15
N THR A 20 -7.46 1.05 -5.04
CA THR A 20 -8.81 1.00 -4.52
C THR A 20 -8.79 0.33 -3.16
N ILE A 21 -9.22 1.06 -2.14
CA ILE A 21 -9.16 0.57 -0.78
C ILE A 21 -10.16 -0.56 -0.57
N GLN A 22 -9.65 -1.74 -0.26
CA GLN A 22 -10.47 -2.92 -0.15
C GLN A 22 -11.04 -3.06 1.26
N ASP A 23 -10.16 -2.97 2.25
CA ASP A 23 -10.59 -3.14 3.64
C ASP A 23 -10.18 -1.93 4.47
N ILE A 24 -10.49 -1.97 5.75
CA ILE A 24 -10.19 -0.90 6.67
C ILE A 24 -9.68 -1.50 7.96
N ALA A 25 -8.65 -0.92 8.52
CA ALA A 25 -8.12 -1.39 9.78
C ALA A 25 -9.12 -1.13 10.88
N ARG A 26 -9.30 0.15 11.11
CA ARG A 26 -10.31 0.67 12.00
C ARG A 26 -10.34 2.18 11.86
N GLN A 27 -11.54 2.69 11.61
CA GLN A 27 -11.80 4.13 11.60
C GLN A 27 -11.35 4.79 10.30
N GLY A 28 -10.05 4.76 10.01
CA GLY A 28 -9.54 5.54 8.89
C GLY A 28 -8.39 4.92 8.15
N ASP A 29 -7.67 4.00 8.79
CA ASP A 29 -6.54 3.35 8.11
C ASP A 29 -7.05 2.36 7.09
N GLY A 30 -6.89 2.71 5.82
CA GLY A 30 -7.34 1.86 4.75
C GLY A 30 -6.38 0.73 4.47
N ILE A 31 -6.93 -0.43 4.13
CA ILE A 31 -6.12 -1.59 3.82
C ILE A 31 -6.11 -1.84 2.32
N ALA A 32 -5.01 -1.46 1.69
CA ALA A 32 -4.81 -1.75 0.28
C ALA A 32 -3.94 -2.98 0.15
N ARG A 33 -4.16 -3.75 -0.90
CA ARG A 33 -3.37 -4.95 -1.11
C ARG A 33 -3.01 -5.12 -2.59
N ILE A 34 -1.75 -4.92 -2.90
CA ILE A 34 -1.25 -5.18 -4.24
C ILE A 34 -0.52 -6.51 -4.25
N GLU A 35 -1.04 -7.43 -5.06
CA GLU A 35 -0.52 -8.79 -5.14
C GLU A 35 -0.77 -9.55 -3.83
N GLY A 36 -1.35 -8.86 -2.86
CA GLY A 36 -1.57 -9.44 -1.56
C GLY A 36 -0.81 -8.72 -0.47
N PHE A 37 0.16 -7.89 -0.86
CA PHE A 37 0.96 -7.14 0.09
C PHE A 37 0.15 -5.99 0.66
N VAL A 38 0.11 -5.91 1.98
CA VAL A 38 -0.74 -4.95 2.68
C VAL A 38 -0.10 -3.56 2.73
N ILE A 39 -0.87 -2.56 2.34
CA ILE A 39 -0.45 -1.17 2.41
C ILE A 39 -1.42 -0.37 3.25
N PHE A 40 -0.91 0.31 4.27
CA PHE A 40 -1.74 1.13 5.15
C PHE A 40 -1.87 2.54 4.62
N VAL A 41 -3.09 3.06 4.60
CA VAL A 41 -3.35 4.40 4.10
C VAL A 41 -4.24 5.17 5.07
N PRO A 42 -3.64 6.09 5.84
CA PRO A 42 -4.37 6.88 6.84
C PRO A 42 -5.34 7.88 6.23
N GLY A 43 -6.63 7.55 6.29
CA GLY A 43 -7.65 8.47 5.84
C GLY A 43 -8.34 8.01 4.58
N THR A 44 -8.77 6.76 4.56
CA THR A 44 -9.48 6.21 3.41
C THR A 44 -10.66 5.35 3.85
N LYS A 45 -11.49 4.95 2.89
CA LYS A 45 -12.68 4.18 3.18
C LYS A 45 -12.79 2.99 2.23
N VAL A 46 -13.67 2.04 2.53
CA VAL A 46 -13.87 0.88 1.68
C VAL A 46 -14.45 1.31 0.33
N GLY A 47 -13.69 1.09 -0.73
CA GLY A 47 -14.14 1.46 -2.06
C GLY A 47 -13.61 2.81 -2.48
N ASP A 48 -12.81 3.44 -1.62
CA ASP A 48 -12.25 4.74 -1.92
C ASP A 48 -11.12 4.58 -2.94
N GLU A 49 -11.23 5.27 -4.05
CA GLU A 49 -10.23 5.20 -5.10
C GLU A 49 -9.33 6.43 -5.07
N VAL A 50 -8.09 6.24 -4.65
CA VAL A 50 -7.16 7.35 -4.52
C VAL A 50 -5.77 6.96 -5.02
N ARG A 51 -4.96 7.96 -5.30
CA ARG A 51 -3.57 7.75 -5.63
C ARG A 51 -2.72 7.93 -4.39
N ILE A 52 -1.96 6.92 -4.04
CA ILE A 52 -1.14 6.97 -2.85
C ILE A 52 0.33 6.86 -3.21
N LYS A 53 1.17 7.59 -2.48
CA LYS A 53 2.59 7.46 -2.64
C LYS A 53 3.13 6.55 -1.55
N VAL A 54 3.56 5.36 -1.92
CA VAL A 54 4.17 4.45 -0.98
C VAL A 54 5.50 5.01 -0.56
N GLU A 55 5.58 5.50 0.67
CA GLU A 55 6.74 6.23 1.14
C GLU A 55 7.76 5.29 1.74
N ARG A 56 7.28 4.31 2.50
CA ARG A 56 8.16 3.39 3.22
C ARG A 56 7.64 1.98 3.17
N VAL A 57 8.51 1.05 2.79
CA VAL A 57 8.18 -0.35 2.84
C VAL A 57 8.74 -0.95 4.14
N LEU A 58 7.84 -1.43 4.97
CA LEU A 58 8.25 -1.99 6.25
C LEU A 58 8.27 -3.51 6.19
N PRO A 59 8.95 -4.17 7.14
CA PRO A 59 9.15 -5.62 7.15
C PRO A 59 7.89 -6.44 6.82
N LYS A 60 6.74 -6.00 7.30
CA LYS A 60 5.53 -6.80 7.16
C LYS A 60 4.43 -6.08 6.37
N PHE A 61 4.66 -4.83 5.99
CA PHE A 61 3.65 -4.05 5.29
C PHE A 61 4.23 -2.74 4.77
N ALA A 62 3.49 -2.06 3.90
CA ALA A 62 3.94 -0.79 3.35
C ALA A 62 3.14 0.37 3.93
N PHE A 63 3.80 1.51 4.08
CA PHE A 63 3.14 2.72 4.53
C PHE A 63 3.13 3.73 3.40
N ALA A 64 1.94 4.25 3.07
CA ALA A 64 1.81 5.17 1.96
C ALA A 64 1.04 6.42 2.36
N SER A 65 1.27 7.49 1.62
CA SER A 65 0.59 8.74 1.87
C SER A 65 -0.47 8.97 0.79
N VAL A 66 -1.68 9.30 1.23
CA VAL A 66 -2.78 9.50 0.31
C VAL A 66 -2.72 10.88 -0.35
N VAL A 67 -2.68 10.90 -1.67
CA VAL A 67 -2.65 12.15 -2.41
C VAL A 67 -4.01 12.43 -3.03
N GLU A 68 -4.92 11.50 -2.77
CA GLU A 68 -6.27 11.51 -3.34
C GLU A 68 -6.20 11.50 -4.86
#